data_7S3F
#
_entry.id   7S3F
#
_cell.length_a   75.040
_cell.length_b   86.900
_cell.length_c   154.490
_cell.angle_alpha   90.000
_cell.angle_beta   90.000
_cell.angle_gamma   90.000
#
_symmetry.space_group_name_H-M   'P 21 21 21'
#
loop_
_entity.id
_entity.type
_entity.pdbx_description
1 polymer 'Ornithine decarboxylase'
2 non-polymer "PYRIDOXAL-5'-PHOSPHATE"
3 non-polymer 3-AMINOOXY-1-AMINOPROPANE
4 water water
#
_entity_poly.entity_id   1
_entity_poly.type   'polypeptide(L)'
_entity_poly.pdbx_seq_one_letter_code
;MNNFGNEEFDCHFLDEGFTAKDILDQKINEVSSSDDKDAFYVADLGDILKKHLRWLKALPRVTPFYAVKCNDSKAIVKTL
AATGTGFDCASKTEIQLVQSLGVPPERIIYANPCKQVSQIKYAANNGVQMMTFDSEVELMKVARAHPKAKLVLRIATDDS
KAVCRLSVKFGATLRTSRLLLERAKELNIDVVGVSFHVGSGCTDPETFVQAISDARCVFDMGAEVGFSMYLLDIGGGFPG
SEDVKLKFEEITGVINPALDKYFPSDSGVRIIAEPGRYYVASAFTLAVNIIAKKIVLKEQTGSDDEDESSEQTFMYYVND
GVYGSFNCILYDHAHVKPLLQKRPKPDEKYYSSSIWGPTCDGLDRIVERCDLPEMHVGDWMLFENMGAYTVAAASTFNGF
QRPTIYYVMSGPAWQLMQQFQNPD
;
_entity_poly.pdbx_strand_id   A,B
#
loop_
_chem_comp.id
_chem_comp.type
_chem_comp.name
_chem_comp.formula
PLP non-polymer PYRIDOXAL-5'-PHOSPHATE 'C8 H10 N O6 P'
XAP non-polymer 3-AMINOOXY-1-AMINOPROPANE 'C3 H10 N2 O'
#
# COMPACT_ATOMS: atom_id res chain seq x y z
N MET A 1 21.90 20.12 -0.36
CA MET A 1 22.19 18.98 0.51
C MET A 1 22.10 17.67 -0.26
N ASN A 2 23.22 16.99 -0.46
CA ASN A 2 23.22 15.73 -1.21
C ASN A 2 23.72 14.60 -0.33
N ASN A 3 23.03 13.47 -0.41
CA ASN A 3 23.35 12.27 0.36
C ASN A 3 24.55 11.53 -0.24
N PHE A 4 25.11 10.63 0.57
CA PHE A 4 26.22 9.75 0.20
C PHE A 4 25.70 8.50 -0.49
N GLU A 7 21.75 6.38 1.71
CA GLU A 7 20.97 7.33 2.49
C GLU A 7 20.71 6.81 3.91
N GLU A 8 20.47 5.49 4.03
CA GLU A 8 20.09 4.87 5.30
C GLU A 8 20.97 5.32 6.47
N PHE A 9 22.28 5.34 6.27
CA PHE A 9 23.19 5.68 7.35
C PHE A 9 23.85 7.03 7.11
N ASP A 10 23.33 7.82 6.19
CA ASP A 10 23.83 9.18 5.97
C ASP A 10 23.07 10.13 6.88
N CYS A 11 23.80 10.94 7.63
CA CYS A 11 23.23 11.93 8.52
C CYS A 11 23.91 13.29 8.32
N HIS A 12 23.12 14.35 8.24
CA HIS A 12 23.61 15.70 8.03
C HIS A 12 23.59 16.50 9.32
N PHE A 13 24.57 17.40 9.45
CA PHE A 13 24.60 18.33 10.58
C PHE A 13 23.53 19.40 10.46
N LEU A 14 22.88 19.71 11.58
CA LEU A 14 21.92 20.80 11.69
C LEU A 14 22.58 21.92 12.51
N ASP A 15 22.90 23.04 11.86
CA ASP A 15 23.63 24.10 12.54
C ASP A 15 22.77 24.78 13.60
N GLU A 16 23.43 25.37 14.59
CA GLU A 16 22.71 26.03 15.68
C GLU A 16 21.86 27.19 15.13
N GLY A 17 20.63 27.29 15.66
CA GLY A 17 19.69 28.28 15.21
C GLY A 17 18.95 27.89 13.94
N PHE A 18 19.09 26.65 13.50
CA PHE A 18 18.41 26.13 12.31
C PHE A 18 17.49 25.00 12.70
N THR A 19 16.28 25.00 12.13
CA THR A 19 15.29 23.96 12.32
C THR A 19 15.21 23.09 11.07
N ALA A 20 14.40 22.03 11.13
CA ALA A 20 14.11 21.24 9.94
C ALA A 20 13.50 22.09 8.84
N LYS A 21 12.64 23.05 9.22
CA LYS A 21 11.99 23.93 8.24
C LYS A 21 13.04 24.67 7.41
N ASP A 22 14.09 25.15 8.07
CA ASP A 22 15.13 25.89 7.38
C ASP A 22 15.86 24.99 6.39
N ILE A 23 16.14 23.74 6.77
CA ILE A 23 16.77 22.80 5.85
C ILE A 23 15.87 22.56 4.64
N LEU A 24 14.56 22.48 4.87
CA LEU A 24 13.63 22.36 3.76
C LEU A 24 13.78 23.52 2.81
N ASP A 25 13.71 24.75 3.34
CA ASP A 25 13.87 25.94 2.53
C ASP A 25 15.17 25.88 1.72
N GLN A 26 16.29 25.54 2.38
CA GLN A 26 17.58 25.49 1.70
C GLN A 26 17.55 24.50 0.54
N LYS A 27 17.06 23.28 0.80
CA LYS A 27 16.99 22.28 -0.26
C LYS A 27 16.10 22.75 -1.41
N ILE A 28 15.01 23.46 -1.09
CA ILE A 28 14.10 23.89 -2.14
C ILE A 28 14.75 24.97 -2.99
N ASN A 29 15.36 25.96 -2.34
CA ASN A 29 15.97 27.09 -3.04
C ASN A 29 17.19 26.63 -3.84
N GLU A 30 17.83 25.54 -3.41
CA GLU A 30 19.00 24.96 -4.08
C GLU A 30 18.65 24.32 -5.43
N VAL A 31 17.46 23.73 -5.54
CA VAL A 31 17.05 23.03 -6.76
C VAL A 31 16.17 23.94 -7.61
N SER A 32 16.10 25.23 -7.26
CA SER A 32 15.21 26.20 -7.91
C SER A 32 15.27 26.12 -9.44
N SER A 33 16.45 26.31 -10.03
CA SER A 33 16.54 26.26 -11.49
C SER A 33 16.75 24.86 -12.03
N SER A 34 17.07 23.89 -11.16
CA SER A 34 17.38 22.53 -11.58
C SER A 34 16.16 21.80 -12.14
N ASP A 35 16.43 20.74 -12.92
CA ASP A 35 15.38 19.94 -13.55
C ASP A 35 14.64 19.05 -12.55
N ASP A 36 15.36 18.35 -11.66
CA ASP A 36 14.76 17.27 -10.87
C ASP A 36 14.17 17.77 -9.56
N LYS A 37 12.85 17.67 -9.44
CA LYS A 37 12.16 18.13 -8.23
C LYS A 37 11.33 16.99 -7.67
N ASP A 38 11.98 15.87 -7.33
CA ASP A 38 11.28 14.73 -6.73
C ASP A 38 10.90 15.04 -5.28
N ALA A 39 9.86 14.36 -4.80
CA ALA A 39 9.44 14.53 -3.41
C ALA A 39 10.52 14.03 -2.47
N PHE A 40 10.61 14.66 -1.29
CA PHE A 40 11.61 14.22 -0.33
C PHE A 40 11.15 14.51 1.09
N TYR A 41 11.70 13.75 2.04
CA TYR A 41 11.49 13.95 3.46
C TYR A 41 12.71 14.61 4.08
N VAL A 42 12.47 15.44 5.09
CA VAL A 42 13.48 15.81 6.08
C VAL A 42 13.08 15.18 7.41
N ALA A 43 13.96 14.33 7.95
CA ALA A 43 13.74 13.62 9.22
C ALA A 43 14.70 14.15 10.27
N ASP A 44 14.16 14.82 11.29
CA ASP A 44 14.97 15.38 12.38
C ASP A 44 15.09 14.35 13.51
N LEU A 45 16.23 13.66 13.58
CA LEU A 45 16.48 12.72 14.66
C LEU A 45 16.53 13.43 16.02
N GLY A 46 16.92 14.71 16.03
CA GLY A 46 16.78 15.51 17.23
C GLY A 46 15.37 15.52 17.80
N ASP A 47 14.35 15.53 16.92
CA ASP A 47 12.97 15.50 17.41
C ASP A 47 12.66 14.18 18.11
N ILE A 48 13.26 13.08 17.65
CA ILE A 48 13.07 11.78 18.30
C ILE A 48 13.73 11.78 19.68
N LEU A 49 14.94 12.34 19.77
CA LEU A 49 15.59 12.45 21.09
C LEU A 49 14.77 13.32 22.04
N LYS A 50 14.21 14.43 21.54
CA LYS A 50 13.37 15.27 22.39
C LYS A 50 12.17 14.47 22.88
N LYS A 51 11.56 13.67 22.00
CA LYS A 51 10.42 12.86 22.41
C LYS A 51 10.83 11.91 23.52
N HIS A 52 12.01 11.29 23.41
CA HIS A 52 12.46 10.36 24.45
C HIS A 52 12.63 11.07 25.79
N LEU A 53 13.26 12.24 25.77
CA LEU A 53 13.44 13.02 27.00
C LEU A 53 12.08 13.35 27.62
N ARG A 54 11.12 13.72 26.78
CA ARG A 54 9.77 14.05 27.23
C ARG A 54 9.08 12.84 27.84
N TRP A 55 9.32 11.66 27.27
CA TRP A 55 8.74 10.43 27.80
C TRP A 55 9.33 10.11 29.17
N LEU A 56 10.66 10.18 29.29
CA LEU A 56 11.30 9.94 30.57
C LEU A 56 10.74 10.86 31.64
N LYS A 57 10.42 12.10 31.28
CA LYS A 57 9.88 13.01 32.30
C LYS A 57 8.43 12.67 32.62
N ALA A 58 7.63 12.30 31.62
CA ALA A 58 6.20 12.14 31.83
C ALA A 58 5.81 10.75 32.35
N LEU A 59 6.56 9.71 32.01
CA LEU A 59 6.27 8.33 32.42
C LEU A 59 7.52 7.69 33.02
N PRO A 60 8.01 8.19 34.15
CA PRO A 60 9.30 7.71 34.69
C PRO A 60 9.29 6.24 35.10
N ARG A 61 8.12 5.63 35.30
CA ARG A 61 8.03 4.22 35.65
C ARG A 61 7.94 3.30 34.45
N VAL A 62 7.77 3.85 33.24
CA VAL A 62 7.42 3.06 32.06
C VAL A 62 8.60 3.04 31.09
N THR A 63 9.12 1.83 30.80
CA THR A 63 10.20 1.66 29.83
C THR A 63 9.63 1.59 28.42
N PRO A 64 9.97 2.53 27.53
CA PRO A 64 9.39 2.54 26.17
C PRO A 64 10.04 1.49 25.28
N PHE A 65 9.19 0.70 24.59
CA PHE A 65 9.60 -0.26 23.57
C PHE A 65 9.06 0.23 22.23
N TYR A 66 9.95 0.74 21.37
CA TYR A 66 9.53 1.34 20.12
C TYR A 66 8.83 0.35 19.19
N ALA A 67 7.63 0.71 18.73
CA ALA A 67 6.87 -0.11 17.77
C ALA A 67 7.45 0.06 16.36
N VAL A 68 8.36 -0.85 16.00
CA VAL A 68 9.13 -0.74 14.76
C VAL A 68 8.21 -0.60 13.55
N LYS A 69 7.08 -1.31 13.55
CA LYS A 69 6.17 -1.30 12.40
C LYS A 69 5.74 0.11 12.03
N CYS A 70 5.74 1.03 13.01
CA CYS A 70 5.30 2.40 12.76
C CYS A 70 6.18 3.08 11.73
N ASN A 71 7.49 2.90 11.84
CA ASN A 71 8.46 3.47 10.91
C ASN A 71 9.74 2.70 11.13
N ASP A 72 10.06 1.81 10.18
CA ASP A 72 11.15 0.85 10.30
C ASP A 72 12.43 1.35 9.65
N SER A 73 12.58 2.66 9.49
CA SER A 73 13.81 3.21 8.93
C SER A 73 14.98 2.92 9.84
N LYS A 74 16.07 2.40 9.26
CA LYS A 74 17.22 1.98 10.06
C LYS A 74 17.77 3.13 10.92
N ALA A 75 17.77 4.36 10.40
CA ALA A 75 18.31 5.47 11.18
C ALA A 75 17.52 5.71 12.45
N ILE A 76 16.19 5.58 12.39
CA ILE A 76 15.37 5.76 13.59
C ILE A 76 15.69 4.65 14.59
N VAL A 77 15.69 3.40 14.13
CA VAL A 77 15.95 2.29 15.03
C VAL A 77 17.34 2.43 15.66
N LYS A 78 18.33 2.85 14.86
CA LYS A 78 19.69 3.03 15.38
C LYS A 78 19.74 4.13 16.44
N THR A 79 19.05 5.24 16.20
CA THR A 79 19.03 6.33 17.17
C THR A 79 18.35 5.87 18.46
N LEU A 80 17.18 5.23 18.33
CA LEU A 80 16.46 4.74 19.51
C LEU A 80 17.26 3.68 20.26
N ALA A 81 18.00 2.84 19.53
CA ALA A 81 18.82 1.81 20.18
C ALA A 81 19.95 2.43 20.99
N ALA A 82 20.66 3.40 20.40
CA ALA A 82 21.65 4.15 21.17
C ALA A 82 21.03 4.82 22.37
N THR A 83 19.76 5.24 22.28
CA THR A 83 19.07 5.88 23.38
C THR A 83 18.76 4.89 24.51
N GLY A 84 18.74 3.60 24.22
CA GLY A 84 18.49 2.57 25.20
C GLY A 84 17.05 2.09 25.33
N THR A 85 16.18 2.43 24.39
CA THR A 85 14.81 1.95 24.41
C THR A 85 14.76 0.46 24.06
N GLY A 86 13.65 -0.17 24.38
CA GLY A 86 13.36 -1.49 23.88
C GLY A 86 12.73 -1.43 22.50
N PHE A 87 12.36 -2.61 21.99
CA PHE A 87 11.75 -2.69 20.66
C PHE A 87 10.62 -3.70 20.63
N ASP A 88 9.48 -3.26 20.13
CA ASP A 88 8.33 -4.11 19.86
C ASP A 88 8.39 -4.53 18.40
N CYS A 89 8.62 -5.82 18.16
CA CYS A 89 8.74 -6.37 16.83
C CYS A 89 7.53 -7.24 16.48
N ALA A 90 7.03 -7.10 15.25
CA ALA A 90 5.84 -7.81 14.81
C ALA A 90 6.12 -9.02 13.92
N SER A 91 7.37 -9.21 13.50
CA SER A 91 7.69 -10.21 12.49
C SER A 91 9.17 -10.55 12.56
N LYS A 92 9.53 -11.62 11.86
CA LYS A 92 10.92 -12.04 11.72
C LYS A 92 11.81 -10.91 11.19
N THR A 93 11.36 -10.22 10.14
CA THR A 93 12.16 -9.16 9.51
C THR A 93 12.48 -8.04 10.49
N GLU A 94 11.51 -7.65 11.33
CA GLU A 94 11.75 -6.57 12.29
C GLU A 94 12.74 -7.01 13.37
N ILE A 95 12.66 -8.29 13.78
CA ILE A 95 13.65 -8.81 14.72
C ILE A 95 15.03 -8.79 14.09
N GLN A 96 15.13 -9.22 12.82
CA GLN A 96 16.42 -9.21 12.14
C GLN A 96 16.99 -7.80 12.09
N LEU A 97 16.15 -6.81 11.76
CA LEU A 97 16.61 -5.43 11.69
C LEU A 97 17.15 -4.98 13.05
N VAL A 98 16.37 -5.22 14.11
CA VAL A 98 16.74 -4.72 15.43
C VAL A 98 18.04 -5.39 15.88
N GLN A 99 18.14 -6.70 15.68
CA GLN A 99 19.34 -7.41 16.11
C GLN A 99 20.53 -6.99 15.27
N SER A 100 20.32 -6.73 13.97
CA SER A 100 21.42 -6.31 13.11
C SER A 100 22.06 -5.02 13.59
N LEU A 101 21.27 -4.17 14.26
CA LEU A 101 21.83 -2.94 14.80
C LEU A 101 22.41 -3.13 16.21
N GLY A 102 22.50 -4.37 16.69
CA GLY A 102 23.19 -4.70 17.91
C GLY A 102 22.35 -4.75 19.18
N VAL A 103 21.03 -4.78 19.06
CA VAL A 103 20.17 -4.82 20.25
C VAL A 103 20.13 -6.26 20.78
N PRO A 104 20.41 -6.47 22.08
CA PRO A 104 20.29 -7.82 22.64
C PRO A 104 18.84 -8.24 22.77
N PRO A 105 18.56 -9.55 22.77
CA PRO A 105 17.17 -10.02 22.79
C PRO A 105 16.33 -9.60 23.99
N GLU A 106 16.93 -9.29 25.14
CA GLU A 106 16.14 -8.94 26.32
C GLU A 106 15.54 -7.54 26.22
N ARG A 107 15.85 -6.82 25.14
CA ARG A 107 15.25 -5.52 24.85
C ARG A 107 14.26 -5.60 23.69
N ILE A 108 13.81 -6.81 23.36
CA ILE A 108 12.86 -7.06 22.28
C ILE A 108 11.68 -7.81 22.86
N ILE A 109 10.47 -7.31 22.60
CA ILE A 109 9.25 -8.05 22.86
C ILE A 109 8.61 -8.36 21.51
N TYR A 110 8.22 -9.62 21.32
CA TYR A 110 7.58 -10.08 20.09
C TYR A 110 6.07 -9.97 20.29
N ALA A 111 5.53 -8.78 20.02
CA ALA A 111 4.19 -8.41 20.47
C ALA A 111 3.16 -8.53 19.35
N ASN A 112 3.25 -9.60 18.58
CA ASN A 112 2.22 -9.99 17.63
C ASN A 112 1.44 -11.16 18.23
N PRO A 113 0.16 -11.01 18.57
CA PRO A 113 -0.56 -12.10 19.27
C PRO A 113 -0.82 -13.34 18.41
N CYS A 114 -0.77 -13.25 17.08
CA CYS A 114 -1.10 -14.36 16.18
C CYS A 114 0.02 -14.58 15.17
N LYS A 115 1.00 -15.41 15.56
CA LYS A 115 2.29 -15.52 14.89
C LYS A 115 2.38 -16.82 14.09
N GLN A 116 2.83 -16.75 12.86
CA GLN A 116 3.16 -17.96 12.10
C GLN A 116 4.21 -18.81 12.83
N VAL A 117 3.99 -20.13 12.81
CA VAL A 117 4.85 -21.07 13.53
C VAL A 117 6.32 -20.86 13.18
N SER A 118 6.64 -20.76 11.88
CA SER A 118 8.04 -20.59 11.48
C SER A 118 8.65 -19.32 12.09
N GLN A 119 7.85 -18.26 12.26
CA GLN A 119 8.38 -17.03 12.85
C GLN A 119 8.58 -17.19 14.36
N ILE A 120 7.68 -17.89 15.05
CA ILE A 120 7.93 -18.23 16.46
C ILE A 120 9.23 -19.00 16.57
N LYS A 121 9.43 -19.97 15.67
CA LYS A 121 10.67 -20.76 15.67
C LYS A 121 11.88 -19.84 15.51
N TYR A 122 11.80 -18.88 14.58
CA TYR A 122 12.89 -17.93 14.38
C TYR A 122 13.19 -17.15 15.67
N ALA A 123 12.13 -16.73 16.38
CA ALA A 123 12.31 -16.00 17.62
C ALA A 123 13.04 -16.85 18.65
N ALA A 124 12.62 -18.11 18.80
CA ALA A 124 13.30 -19.03 19.71
C ALA A 124 14.76 -19.22 19.31
N ASN A 125 15.02 -19.36 18.01
CA ASN A 125 16.38 -19.58 17.51
C ASN A 125 17.28 -18.41 17.79
N ASN A 126 16.74 -17.21 17.95
CA ASN A 126 17.58 -16.03 18.15
C ASN A 126 17.44 -15.47 19.57
N GLY A 127 16.83 -16.24 20.48
CA GLY A 127 16.83 -15.91 21.89
C GLY A 127 15.85 -14.84 22.31
N VAL A 128 14.84 -14.57 21.49
CA VAL A 128 13.75 -13.66 21.85
C VAL A 128 12.74 -14.46 22.67
N GLN A 129 12.70 -14.23 23.97
CA GLN A 129 11.94 -15.08 24.89
C GLN A 129 10.51 -14.59 25.06
N MET A 130 10.28 -13.29 24.99
CA MET A 130 9.03 -12.67 25.43
C MET A 130 8.11 -12.43 24.24
N MET A 131 6.91 -13.01 24.31
CA MET A 131 5.94 -12.95 23.21
C MET A 131 4.56 -12.75 23.78
N THR A 132 3.69 -12.08 23.03
CA THR A 132 2.31 -11.92 23.44
C THR A 132 1.43 -13.02 22.84
N PHE A 133 0.25 -13.19 23.45
CA PHE A 133 -0.72 -14.17 22.95
C PHE A 133 -2.10 -13.79 23.49
N ASP A 134 -3.15 -14.23 22.78
CA ASP A 134 -4.51 -14.04 23.27
C ASP A 134 -5.46 -15.19 22.92
N SER A 135 -4.94 -16.41 22.67
CA SER A 135 -5.79 -17.52 22.26
C SER A 135 -5.16 -18.84 22.66
N GLU A 136 -6.00 -19.88 22.74
CA GLU A 136 -5.53 -21.21 23.10
C GLU A 136 -4.63 -21.81 22.02
N VAL A 137 -5.03 -21.68 20.76
CA VAL A 137 -4.23 -22.20 19.65
C VAL A 137 -2.83 -21.60 19.68
N GLU A 138 -2.71 -20.33 20.10
CA GLU A 138 -1.39 -19.74 20.21
C GLU A 138 -0.57 -20.45 21.27
N LEU A 139 -1.19 -20.82 22.40
CA LEU A 139 -0.51 -21.60 23.44
C LEU A 139 -0.02 -22.93 22.88
N MET A 140 -0.85 -23.61 22.07
CA MET A 140 -0.43 -24.87 21.47
C MET A 140 0.81 -24.68 20.61
N LYS A 141 0.77 -23.65 19.75
CA LYS A 141 1.89 -23.38 18.86
C LYS A 141 3.15 -23.08 19.65
N VAL A 142 3.02 -22.29 20.72
CA VAL A 142 4.18 -21.93 21.55
C VAL A 142 4.75 -23.17 22.20
N ALA A 143 3.88 -24.01 22.78
CA ALA A 143 4.33 -25.23 23.43
C ALA A 143 5.16 -26.05 22.47
N ARG A 144 4.74 -26.11 21.22
CA ARG A 144 5.40 -26.93 20.21
C ARG A 144 6.68 -26.27 19.67
N ALA A 145 6.74 -24.93 19.59
CA ALA A 145 7.81 -24.25 18.87
C ALA A 145 8.73 -23.39 19.72
N HIS A 146 8.31 -22.99 20.92
CA HIS A 146 9.09 -22.10 21.79
C HIS A 146 8.69 -22.37 23.22
N PRO A 147 8.94 -23.58 23.73
CA PRO A 147 8.35 -23.99 25.02
C PRO A 147 8.87 -23.19 26.21
N LYS A 148 10.05 -22.59 26.12
CA LYS A 148 10.65 -21.82 27.20
C LYS A 148 10.30 -20.33 27.12
N ALA A 149 9.35 -19.98 26.26
CA ALA A 149 8.97 -18.58 26.08
C ALA A 149 8.36 -18.02 27.36
N LYS A 150 8.50 -16.69 27.52
CA LYS A 150 7.79 -15.91 28.53
C LYS A 150 6.60 -15.23 27.85
N LEU A 151 5.40 -15.69 28.14
CA LEU A 151 4.21 -15.21 27.45
C LEU A 151 3.55 -14.06 28.21
N VAL A 152 3.06 -13.10 27.44
CA VAL A 152 2.32 -11.94 27.94
C VAL A 152 0.93 -12.03 27.35
N LEU A 153 -0.09 -12.10 28.22
CA LEU A 153 -1.47 -12.23 27.79
C LEU A 153 -2.00 -10.85 27.37
N ARG A 154 -2.43 -10.74 26.12
CA ARG A 154 -3.01 -9.51 25.62
C ARG A 154 -4.51 -9.52 25.86
N ILE A 155 -4.99 -8.53 26.60
CA ILE A 155 -6.40 -8.42 26.95
C ILE A 155 -7.06 -7.36 26.09
N ALA A 156 -8.37 -7.50 25.94
CA ALA A 156 -9.17 -6.56 25.16
C ALA A 156 -9.38 -5.26 25.93
N THR A 157 -9.61 -4.18 25.19
CA THR A 157 -9.88 -2.85 25.73
C THR A 157 -11.10 -2.24 25.01
N ASP A 158 -11.78 -1.33 25.70
CA ASP A 158 -12.86 -0.57 25.05
C ASP A 158 -12.21 0.58 24.27
N ASP A 159 -11.99 0.37 22.98
CA ASP A 159 -11.34 1.34 22.11
C ASP A 159 -12.33 1.96 21.11
N SER A 160 -13.58 2.13 21.54
CA SER A 160 -14.63 2.62 20.64
C SER A 160 -14.34 4.05 20.17
N LYS A 161 -13.64 4.84 20.98
CA LYS A 161 -13.35 6.23 20.64
C LYS A 161 -12.02 6.39 19.91
N ALA A 162 -11.23 5.33 19.84
CA ALA A 162 -9.93 5.37 19.16
C ALA A 162 -10.11 5.46 17.65
N VAL A 163 -9.15 6.12 16.99
CA VAL A 163 -9.22 6.29 15.54
C VAL A 163 -9.04 4.97 14.81
N CYS A 164 -8.10 4.15 15.29
CA CYS A 164 -7.82 2.83 14.73
C CYS A 164 -8.14 1.80 15.80
N ARG A 165 -9.24 1.07 15.62
CA ARG A 165 -9.68 0.08 16.58
C ARG A 165 -8.95 -1.24 16.34
N LEU A 166 -8.36 -1.79 17.41
CA LEU A 166 -7.61 -3.03 17.37
C LEU A 166 -8.26 -4.15 18.17
N SER A 167 -9.22 -3.82 19.03
CA SER A 167 -9.81 -4.80 19.95
C SER A 167 -10.70 -5.81 19.21
N VAL A 168 -11.31 -5.39 18.10
CA VAL A 168 -12.06 -6.34 17.27
C VAL A 168 -11.18 -7.50 16.83
N LYS A 169 -9.92 -7.23 16.49
CA LYS A 169 -9.01 -8.25 15.99
C LYS A 169 -8.27 -8.99 17.10
N PHE A 170 -7.88 -8.28 18.17
CA PHE A 170 -6.97 -8.81 19.19
C PHE A 170 -7.47 -8.46 20.58
N GLY A 171 -7.11 -9.32 21.54
CA GLY A 171 -7.37 -9.05 22.94
C GLY A 171 -8.38 -10.02 23.53
N ALA A 172 -7.98 -10.67 24.61
CA ALA A 172 -8.85 -11.63 25.29
C ALA A 172 -9.67 -10.96 26.38
N THR A 173 -10.94 -11.35 26.49
CA THR A 173 -11.78 -10.94 27.61
C THR A 173 -11.24 -11.50 28.93
N LEU A 174 -11.77 -10.99 30.05
CA LEU A 174 -11.38 -11.53 31.35
C LEU A 174 -11.82 -12.98 31.48
N ARG A 175 -13.02 -13.28 30.98
CA ARG A 175 -13.54 -14.64 31.01
C ARG A 175 -12.58 -15.56 30.28
N THR A 176 -12.22 -15.22 29.04
CA THR A 176 -11.26 -16.02 28.28
C THR A 176 -9.89 -16.03 28.96
N SER A 177 -9.48 -14.91 29.57
CA SER A 177 -8.18 -14.84 30.23
C SER A 177 -8.04 -15.91 31.30
N ARG A 178 -9.10 -16.13 32.09
CA ARG A 178 -9.03 -17.20 33.08
C ARG A 178 -8.71 -18.54 32.42
N LEU A 179 -9.40 -18.82 31.31
CA LEU A 179 -9.20 -20.09 30.62
C LEU A 179 -7.81 -20.18 30.02
N LEU A 180 -7.31 -19.07 29.47
CA LEU A 180 -5.98 -19.06 28.86
C LEU A 180 -4.91 -19.32 29.92
N LEU A 181 -5.06 -18.73 31.10
CA LEU A 181 -4.07 -18.95 32.17
C LEU A 181 -4.11 -20.41 32.65
N GLU A 182 -5.30 -20.97 32.82
CA GLU A 182 -5.39 -22.35 33.25
C GLU A 182 -4.81 -23.29 32.20
N ARG A 183 -5.12 -23.03 30.93
CA ARG A 183 -4.60 -23.83 29.84
C ARG A 183 -3.08 -23.74 29.78
N ALA A 184 -2.53 -22.54 29.95
CA ALA A 184 -1.08 -22.35 29.95
C ALA A 184 -0.44 -23.13 31.09
N LYS A 185 -1.11 -23.19 32.25
CA LYS A 185 -0.61 -24.01 33.35
C LYS A 185 -0.57 -25.49 32.97
N GLU A 186 -1.65 -26.01 32.37
CA GLU A 186 -1.67 -27.40 31.91
C GLU A 186 -0.44 -27.72 31.05
N LEU A 187 -0.11 -26.84 30.11
CA LEU A 187 0.92 -27.09 29.12
C LEU A 187 2.32 -26.74 29.62
N ASN A 188 2.44 -26.28 30.86
CA ASN A 188 3.73 -25.96 31.47
C ASN A 188 4.42 -24.82 30.71
N ILE A 189 3.65 -23.79 30.36
CA ILE A 189 4.15 -22.58 29.71
C ILE A 189 4.09 -21.44 30.72
N ASP A 190 5.19 -20.66 30.79
CA ASP A 190 5.31 -19.57 31.76
C ASP A 190 4.66 -18.29 31.22
N VAL A 191 3.60 -17.85 31.92
CA VAL A 191 2.98 -16.54 31.70
C VAL A 191 3.51 -15.56 32.73
N VAL A 192 4.07 -14.43 32.26
CA VAL A 192 4.78 -13.51 33.13
C VAL A 192 4.12 -12.13 33.21
N GLY A 193 3.07 -11.87 32.44
CA GLY A 193 2.44 -10.56 32.53
C GLY A 193 1.26 -10.40 31.59
N VAL A 194 0.84 -9.14 31.46
CA VAL A 194 -0.36 -8.75 30.73
C VAL A 194 0.00 -7.55 29.85
N SER A 195 -0.58 -7.51 28.64
CA SER A 195 -0.47 -6.35 27.77
C SER A 195 -1.85 -5.97 27.27
N PHE A 196 -1.97 -4.71 26.88
CA PHE A 196 -3.18 -4.25 26.21
C PHE A 196 -2.81 -3.11 25.26
N HIS A 197 -3.72 -2.80 24.33
CA HIS A 197 -3.57 -1.65 23.44
C HIS A 197 -4.90 -0.91 23.40
N VAL A 198 -4.89 0.34 23.87
CA VAL A 198 -6.05 1.23 23.96
C VAL A 198 -6.60 1.60 22.59
N GLY A 199 -5.81 1.44 21.54
CA GLY A 199 -6.09 1.78 20.15
C GLY A 199 -5.21 2.93 19.69
N SER A 200 -4.74 2.84 18.44
CA SER A 200 -3.95 3.92 17.88
C SER A 200 -4.82 5.15 17.69
N GLY A 201 -4.33 6.30 18.14
CA GLY A 201 -5.15 7.50 18.08
C GLY A 201 -6.22 7.49 19.15
N CYS A 202 -5.79 7.36 20.40
CA CYS A 202 -6.70 7.38 21.54
C CYS A 202 -7.42 8.73 21.67
N THR A 203 -8.70 8.68 22.02
CA THR A 203 -9.52 9.88 22.22
C THR A 203 -9.92 10.12 23.68
N ASP A 204 -10.01 9.06 24.48
CA ASP A 204 -10.46 9.15 25.87
C ASP A 204 -9.43 8.49 26.77
N PRO A 205 -8.74 9.25 27.62
CA PRO A 205 -7.69 8.65 28.46
C PRO A 205 -8.22 7.69 29.52
N GLU A 206 -9.51 7.81 29.88
CA GLU A 206 -10.12 6.91 30.86
C GLU A 206 -10.03 5.45 30.42
N THR A 207 -9.95 5.18 29.11
CA THR A 207 -9.77 3.82 28.64
C THR A 207 -8.57 3.18 29.32
N PHE A 208 -7.47 3.94 29.46
CA PHE A 208 -6.28 3.41 30.11
C PHE A 208 -6.60 2.95 31.52
N VAL A 209 -7.39 3.75 32.25
CA VAL A 209 -7.71 3.39 33.63
C VAL A 209 -8.42 2.04 33.65
N GLN A 210 -9.45 1.88 32.82
CA GLN A 210 -10.15 0.61 32.83
C GLN A 210 -9.20 -0.50 32.44
N ALA A 211 -8.37 -0.25 31.42
CA ALA A 211 -7.47 -1.30 30.97
C ALA A 211 -6.52 -1.68 32.09
N ILE A 212 -5.99 -0.69 32.81
CA ILE A 212 -5.08 -1.00 33.89
C ILE A 212 -5.79 -1.84 34.93
N SER A 213 -7.00 -1.44 35.30
CA SER A 213 -7.78 -2.24 36.24
C SER A 213 -7.93 -3.66 35.73
N ASP A 214 -8.32 -3.83 34.45
CA ASP A 214 -8.48 -5.17 33.91
C ASP A 214 -7.19 -5.97 34.06
N ALA A 215 -6.04 -5.35 33.77
CA ALA A 215 -4.76 -6.03 33.92
C ALA A 215 -4.58 -6.51 35.36
N ARG A 216 -4.91 -5.67 36.33
CA ARG A 216 -4.74 -6.06 37.73
C ARG A 216 -5.51 -7.35 37.98
N CYS A 217 -6.74 -7.42 37.48
CA CYS A 217 -7.55 -8.60 37.69
C CYS A 217 -6.86 -9.84 37.11
N VAL A 218 -6.31 -9.71 35.90
CA VAL A 218 -5.69 -10.88 35.29
C VAL A 218 -4.43 -11.26 36.06
N PHE A 219 -3.67 -10.27 36.54
CA PHE A 219 -2.57 -10.56 37.45
C PHE A 219 -3.05 -11.41 38.63
N ASP A 220 -4.15 -10.97 39.26
CA ASP A 220 -4.71 -11.72 40.37
C ASP A 220 -5.09 -13.13 39.93
N MET A 221 -5.70 -13.27 38.75
CA MET A 221 -6.04 -14.60 38.27
C MET A 221 -4.79 -15.45 38.19
N GLY A 222 -3.69 -14.87 37.70
CA GLY A 222 -2.47 -15.62 37.60
C GLY A 222 -1.96 -16.06 38.95
N ALA A 223 -2.08 -15.19 39.95
CA ALA A 223 -1.66 -15.57 41.29
C ALA A 223 -2.44 -16.80 41.76
N GLU A 224 -3.76 -16.82 41.49
CA GLU A 224 -4.56 -17.97 41.87
C GLU A 224 -3.99 -19.26 41.30
N VAL A 225 -3.56 -19.25 40.03
CA VAL A 225 -3.17 -20.51 39.39
C VAL A 225 -1.70 -20.84 39.61
N GLY A 226 -0.91 -19.92 40.16
CA GLY A 226 0.47 -20.18 40.50
C GLY A 226 1.51 -19.47 39.66
N PHE A 227 1.11 -18.50 38.83
CA PHE A 227 2.05 -17.71 38.06
C PHE A 227 2.55 -16.53 38.88
N SER A 228 3.84 -16.21 38.74
CA SER A 228 4.44 -15.01 39.33
C SER A 228 4.49 -13.90 38.28
N MET A 229 3.41 -13.13 38.18
CA MET A 229 3.29 -12.12 37.13
C MET A 229 4.06 -10.88 37.55
N TYR A 230 4.90 -10.37 36.64
CA TYR A 230 5.65 -9.15 36.92
C TYR A 230 5.59 -8.10 35.81
N LEU A 231 5.21 -8.44 34.57
CA LEU A 231 5.34 -7.52 33.44
C LEU A 231 3.98 -6.92 33.08
N LEU A 232 3.87 -5.59 33.14
CA LEU A 232 2.69 -4.87 32.68
C LEU A 232 3.09 -4.07 31.44
N ASP A 233 2.40 -4.32 30.32
CA ASP A 233 2.67 -3.68 29.04
C ASP A 233 1.44 -2.85 28.67
N ILE A 234 1.57 -1.53 28.70
CA ILE A 234 0.43 -0.62 28.53
C ILE A 234 0.26 -0.15 27.08
N GLY A 235 0.99 -0.73 26.14
CA GLY A 235 0.74 -0.54 24.73
C GLY A 235 1.11 0.83 24.18
N GLY A 236 0.38 1.23 23.13
CA GLY A 236 0.60 2.50 22.47
C GLY A 236 -0.63 3.39 22.47
N GLY A 237 -0.79 4.17 21.40
CA GLY A 237 -1.94 5.05 21.24
C GLY A 237 -1.67 6.50 21.55
N PHE A 238 -0.46 6.84 21.99
CA PHE A 238 -0.11 8.20 22.34
C PHE A 238 0.02 9.06 21.08
N PRO A 239 -0.38 10.33 21.14
CA PRO A 239 -0.26 11.20 19.97
C PRO A 239 1.20 11.56 19.67
N GLY A 240 1.46 11.82 18.40
CA GLY A 240 2.81 12.13 17.95
C GLY A 240 3.10 13.58 17.59
N SER A 241 2.10 14.45 17.72
CA SER A 241 2.28 15.88 17.44
C SER A 241 1.43 16.69 18.43
N GLU A 242 1.68 17.99 18.47
CA GLU A 242 0.86 18.89 19.29
C GLU A 242 -0.42 19.30 18.58
N ASP A 243 -0.59 18.90 17.33
CA ASP A 243 -1.76 19.24 16.51
C ASP A 243 -2.92 18.28 16.75
N VAL A 244 -3.28 18.08 18.02
CA VAL A 244 -4.30 17.11 18.41
C VAL A 244 -5.10 17.66 19.59
N LYS A 245 -6.33 17.18 19.74
CA LYS A 245 -7.14 17.60 20.88
C LYS A 245 -6.60 17.01 22.18
N LEU A 246 -6.32 15.70 22.19
CA LEU A 246 -5.87 15.00 23.38
C LEU A 246 -4.34 14.90 23.38
N LYS A 247 -3.69 15.73 24.19
CA LYS A 247 -2.25 15.85 24.20
C LYS A 247 -1.60 14.81 25.12
N PHE A 248 -0.34 14.49 24.82
CA PHE A 248 0.40 13.43 25.51
C PHE A 248 0.30 13.58 27.03
N GLU A 249 0.51 14.79 27.55
CA GLU A 249 0.65 14.96 29.00
C GLU A 249 -0.68 14.80 29.73
N GLU A 250 -1.81 15.08 29.10
CA GLU A 250 -3.09 14.74 29.72
C GLU A 250 -3.22 13.23 29.93
N ILE A 251 -2.90 12.45 28.89
CA ILE A 251 -2.99 11.00 28.99
C ILE A 251 -2.07 10.50 30.10
N THR A 252 -0.83 10.98 30.14
CA THR A 252 0.08 10.48 31.16
C THR A 252 -0.37 10.90 32.55
N GLY A 253 -0.99 12.08 32.67
CA GLY A 253 -1.55 12.50 33.95
C GLY A 253 -2.67 11.61 34.43
N VAL A 254 -3.39 10.98 33.49
CA VAL A 254 -4.41 10.00 33.87
C VAL A 254 -3.79 8.62 34.14
N ILE A 255 -2.73 8.25 33.41
CA ILE A 255 -2.12 6.93 33.53
C ILE A 255 -1.40 6.77 34.86
N ASN A 256 -0.60 7.77 35.24
CA ASN A 256 0.30 7.60 36.39
C ASN A 256 -0.44 7.30 37.69
N PRO A 257 -1.50 8.05 38.07
CA PRO A 257 -2.24 7.67 39.29
C PRO A 257 -2.78 6.26 39.24
N ALA A 258 -3.34 5.85 38.10
CA ALA A 258 -3.86 4.49 37.96
C ALA A 258 -2.75 3.46 38.17
N LEU A 259 -1.55 3.73 37.63
CA LEU A 259 -0.44 2.81 37.83
C LEU A 259 -0.05 2.75 39.31
N ASP A 260 -0.03 3.89 39.99
CA ASP A 260 0.31 3.90 41.40
C ASP A 260 -0.74 3.16 42.23
N LYS A 261 -2.00 3.25 41.83
CA LYS A 261 -3.08 2.61 42.57
C LYS A 261 -3.09 1.10 42.37
N TYR A 262 -3.01 0.64 41.11
CA TYR A 262 -3.18 -0.78 40.81
C TYR A 262 -1.88 -1.55 40.77
N PHE A 263 -0.75 -0.89 40.50
CA PHE A 263 0.55 -1.55 40.37
C PHE A 263 1.65 -0.77 41.08
N PRO A 264 1.59 -0.67 42.41
CA PRO A 264 2.58 0.15 43.12
C PRO A 264 3.99 -0.41 42.95
N SER A 265 4.98 0.49 43.04
CA SER A 265 6.36 0.11 42.70
C SER A 265 6.90 -0.94 43.66
N ASP A 266 6.45 -0.93 44.91
CA ASP A 266 6.94 -1.91 45.87
C ASP A 266 6.49 -3.33 45.52
N SER A 267 5.47 -3.49 44.66
CA SER A 267 5.00 -4.82 44.26
C SER A 267 6.01 -5.56 43.40
N GLY A 268 7.02 -4.87 42.85
CA GLY A 268 8.02 -5.48 42.01
C GLY A 268 7.64 -5.57 40.54
N VAL A 269 6.49 -5.01 40.16
CA VAL A 269 6.07 -5.02 38.77
C VAL A 269 7.06 -4.24 37.91
N ARG A 270 7.25 -4.69 36.67
CA ARG A 270 8.01 -3.98 35.66
C ARG A 270 7.06 -3.50 34.58
N ILE A 271 7.00 -2.18 34.36
CA ILE A 271 6.04 -1.57 33.46
C ILE A 271 6.76 -1.11 32.18
N ILE A 272 6.22 -1.53 31.04
CA ILE A 272 6.69 -1.11 29.73
C ILE A 272 5.51 -0.60 28.90
N ALA A 273 5.84 0.04 27.78
CA ALA A 273 4.85 0.49 26.80
C ALA A 273 5.41 0.25 25.41
N GLU A 274 4.53 0.36 24.40
CA GLU A 274 4.86 0.08 23.00
C GLU A 274 4.54 1.29 22.13
N PRO A 275 5.04 2.49 22.44
CA PRO A 275 4.66 3.67 21.65
C PRO A 275 5.24 3.60 20.25
N GLY A 276 4.38 3.84 19.25
CA GLY A 276 4.87 3.95 17.90
C GLY A 276 4.89 5.38 17.38
N ARG A 277 3.70 5.94 17.15
CA ARG A 277 3.62 7.23 16.48
C ARG A 277 4.14 8.37 17.36
N TYR A 278 4.13 8.17 18.69
CA TYR A 278 4.60 9.21 19.61
C TYR A 278 6.04 9.62 19.29
N TYR A 279 6.89 8.63 18.98
CA TYR A 279 8.32 8.90 18.79
C TYR A 279 8.64 9.55 17.46
N VAL A 280 7.88 9.26 16.40
CA VAL A 280 8.35 9.52 15.05
C VAL A 280 7.44 10.46 14.27
N ALA A 281 6.18 10.68 14.68
CA ALA A 281 5.22 11.38 13.83
C ALA A 281 5.74 12.77 13.41
N SER A 282 6.12 13.60 14.37
CA SER A 282 6.49 14.98 14.08
C SER A 282 7.91 15.12 13.53
N ALA A 283 8.70 14.05 13.56
CA ALA A 283 10.09 14.10 13.14
C ALA A 283 10.25 14.19 11.62
N PHE A 284 9.24 13.80 10.85
CA PHE A 284 9.32 13.74 9.40
C PHE A 284 8.45 14.81 8.79
N THR A 285 9.04 15.65 7.93
CA THR A 285 8.28 16.58 7.11
C THR A 285 8.49 16.23 5.64
N LEU A 286 7.39 16.17 4.88
CA LEU A 286 7.38 15.74 3.49
C LEU A 286 7.21 16.94 2.57
N ALA A 287 8.05 17.03 1.54
CA ALA A 287 7.95 18.05 0.51
C ALA A 287 7.60 17.37 -0.81
N VAL A 288 6.51 17.83 -1.43
CA VAL A 288 6.09 17.30 -2.73
C VAL A 288 6.09 18.45 -3.73
N ASN A 289 6.31 18.11 -4.99
CA ASN A 289 6.32 19.10 -6.04
C ASN A 289 5.00 19.03 -6.80
N ILE A 290 4.48 20.20 -7.18
CA ILE A 290 3.31 20.26 -8.06
C ILE A 290 3.78 19.96 -9.49
N ILE A 291 3.42 18.79 -10.01
CA ILE A 291 3.92 18.36 -11.31
C ILE A 291 2.91 18.65 -12.39
N ALA A 292 1.67 18.95 -12.05
CA ALA A 292 0.67 19.24 -13.08
C ALA A 292 -0.43 20.09 -12.47
N LYS A 293 -1.20 20.74 -13.33
CA LYS A 293 -2.17 21.75 -12.94
C LYS A 293 -3.31 21.83 -13.93
N LYS A 294 -4.54 21.92 -13.42
CA LYS A 294 -5.72 22.15 -14.24
C LYS A 294 -6.56 23.25 -13.62
N ILE A 295 -7.16 24.09 -14.48
CA ILE A 295 -8.06 25.17 -14.08
C ILE A 295 -9.46 24.78 -14.50
N VAL A 296 -10.38 24.74 -13.54
CA VAL A 296 -11.78 24.39 -13.80
C VAL A 296 -12.64 25.62 -13.50
N LEU A 297 -13.41 26.05 -14.50
CA LEU A 297 -14.29 27.19 -14.35
C LEU A 297 -15.63 26.75 -13.76
N LYS A 298 -16.12 27.50 -12.78
CA LYS A 298 -17.45 27.30 -12.21
C LYS A 298 -18.37 28.46 -12.61
N SER A 310 -17.88 34.18 -12.70
CA SER A 310 -17.18 32.93 -12.94
C SER A 310 -16.18 32.63 -11.81
N GLU A 311 -16.42 31.54 -11.08
CA GLU A 311 -15.53 31.10 -10.01
C GLU A 311 -14.48 30.13 -10.53
N GLN A 312 -13.21 30.44 -10.27
CA GLN A 312 -12.10 29.59 -10.66
C GLN A 312 -11.77 28.59 -9.56
N THR A 313 -11.63 27.32 -9.92
CA THR A 313 -11.10 26.29 -9.05
C THR A 313 -9.89 25.65 -9.72
N PHE A 314 -9.05 25.00 -8.91
CA PHE A 314 -7.81 24.41 -9.40
C PHE A 314 -7.68 22.96 -8.96
N MET A 315 -7.02 22.18 -9.81
CA MET A 315 -6.64 20.80 -9.51
C MET A 315 -5.13 20.72 -9.62
N TYR A 316 -4.47 20.39 -8.52
CA TYR A 316 -3.02 20.26 -8.49
C TYR A 316 -2.64 18.79 -8.39
N TYR A 317 -1.72 18.36 -9.22
CA TYR A 317 -1.14 17.02 -9.17
C TYR A 317 0.27 17.14 -8.62
N VAL A 318 0.56 16.37 -7.56
CA VAL A 318 1.87 16.28 -6.94
C VAL A 318 2.45 14.87 -7.09
N ASN A 319 3.75 14.73 -6.79
CA ASN A 319 4.50 13.50 -7.10
C ASN A 319 4.62 12.56 -5.90
N ASP A 320 3.63 12.58 -5.00
CA ASP A 320 3.40 11.49 -4.06
C ASP A 320 1.90 11.36 -3.88
N GLY A 321 1.43 10.14 -3.58
CA GLY A 321 0.01 9.88 -3.58
C GLY A 321 -0.43 8.76 -2.65
N VAL A 322 -1.69 8.33 -2.77
CA VAL A 322 -2.25 7.38 -1.80
C VAL A 322 -1.62 6.00 -1.90
N TYR A 323 -0.92 5.71 -3.00
CA TYR A 323 -0.17 4.46 -3.05
C TYR A 323 1.19 4.60 -2.39
N GLY A 324 1.67 5.85 -2.24
CA GLY A 324 2.93 6.13 -1.56
C GLY A 324 2.71 6.58 -0.13
N SER A 325 3.33 7.70 0.24
CA SER A 325 3.28 8.19 1.62
C SER A 325 1.86 8.42 2.12
N PHE A 326 0.93 8.79 1.24
CA PHE A 326 -0.40 9.17 1.66
C PHE A 326 -1.35 7.97 1.73
N ASN A 327 -0.80 6.75 1.68
CA ASN A 327 -1.59 5.57 2.06
C ASN A 327 -2.20 5.74 3.43
N CYS A 328 -1.58 6.54 4.30
CA CYS A 328 -2.14 6.84 5.62
C CYS A 328 -3.54 7.44 5.54
N ILE A 329 -3.92 8.05 4.42
CA ILE A 329 -5.30 8.53 4.26
C ILE A 329 -6.29 7.36 4.35
N LEU A 330 -5.95 6.22 3.77
CA LEU A 330 -6.83 5.05 3.77
C LEU A 330 -6.62 4.19 5.01
N TYR A 331 -5.38 3.78 5.26
CA TYR A 331 -5.10 2.83 6.32
C TYR A 331 -5.10 3.49 7.70
N ASP A 332 -4.65 4.73 7.81
CA ASP A 332 -4.47 5.38 9.11
C ASP A 332 -5.50 6.45 9.39
N HIS A 333 -6.50 6.61 8.52
CA HIS A 333 -7.58 7.58 8.73
C HIS A 333 -7.01 8.99 8.92
N ALA A 334 -5.93 9.28 8.22
CA ALA A 334 -5.20 10.52 8.41
C ALA A 334 -5.90 11.68 7.70
N HIS A 335 -5.80 12.86 8.32
CA HIS A 335 -6.30 14.11 7.75
C HIS A 335 -5.10 15.02 7.53
N VAL A 336 -4.71 15.21 6.27
CA VAL A 336 -3.45 15.89 5.94
C VAL A 336 -3.73 17.36 5.64
N LYS A 337 -2.82 18.22 6.08
CA LYS A 337 -2.94 19.66 5.90
C LYS A 337 -1.81 20.17 5.00
N PRO A 338 -2.09 20.54 3.76
CA PRO A 338 -1.03 21.10 2.90
C PRO A 338 -0.58 22.47 3.40
N LEU A 339 0.73 22.67 3.41
CA LEU A 339 1.35 23.91 3.85
C LEU A 339 2.19 24.51 2.73
N LEU A 340 2.15 25.84 2.61
CA LEU A 340 2.95 26.56 1.64
C LEU A 340 4.33 26.90 2.18
N GLN A 341 5.33 26.90 1.30
CA GLN A 341 6.70 27.17 1.73
C GLN A 341 6.83 28.59 2.24
N LYS A 342 6.43 29.56 1.43
CA LYS A 342 6.31 30.96 1.85
C LYS A 342 4.90 31.14 2.40
N ARG A 343 4.80 31.43 3.69
CA ARG A 343 3.51 31.76 4.30
C ARG A 343 2.85 32.92 3.52
N PRO A 344 1.61 32.77 3.07
CA PRO A 344 1.02 33.75 2.15
C PRO A 344 0.69 35.11 2.78
N LYS A 345 0.69 36.13 1.90
CA LYS A 345 0.29 37.49 2.27
C LYS A 345 -1.22 37.53 2.60
N PRO A 346 -1.63 38.42 3.52
CA PRO A 346 -3.05 38.40 3.94
C PRO A 346 -4.04 38.80 2.86
N ASP A 347 -3.61 39.54 1.84
CA ASP A 347 -4.48 40.00 0.77
C ASP A 347 -4.43 39.12 -0.47
N GLU A 348 -3.58 38.09 -0.48
CA GLU A 348 -3.55 37.18 -1.62
C GLU A 348 -4.88 36.44 -1.76
N LYS A 349 -5.34 36.29 -3.01
CA LYS A 349 -6.60 35.62 -3.29
C LYS A 349 -6.48 34.10 -3.19
N TYR A 350 -7.47 33.48 -2.55
CA TYR A 350 -7.54 32.04 -2.38
C TYR A 350 -8.60 31.41 -3.28
N TYR A 351 -8.38 30.15 -3.64
CA TYR A 351 -9.27 29.39 -4.51
C TYR A 351 -9.54 28.01 -3.92
N SER A 352 -10.76 27.53 -4.16
CA SER A 352 -11.11 26.15 -3.91
C SER A 352 -10.25 25.24 -4.79
N SER A 353 -9.59 24.27 -4.17
CA SER A 353 -8.58 23.47 -4.83
C SER A 353 -8.62 22.03 -4.33
N SER A 354 -8.24 21.12 -5.21
CA SER A 354 -8.05 19.71 -4.90
C SER A 354 -6.62 19.32 -5.22
N ILE A 355 -6.10 18.33 -4.49
CA ILE A 355 -4.74 17.83 -4.68
C ILE A 355 -4.77 16.33 -4.97
N TRP A 356 -4.04 15.92 -6.01
CA TRP A 356 -4.08 14.58 -6.56
C TRP A 356 -2.70 13.97 -6.61
N GLY A 357 -2.63 12.65 -6.46
CA GLY A 357 -1.38 11.92 -6.58
C GLY A 357 -0.96 11.72 -8.02
N PRO A 358 0.24 11.18 -8.20
CA PRO A 358 0.80 11.04 -9.55
C PRO A 358 0.25 9.89 -10.37
N THR A 359 -0.39 8.90 -9.74
CA THR A 359 -0.77 7.69 -10.46
C THR A 359 -2.02 7.90 -11.33
N CYS A 360 -2.22 6.94 -12.23
CA CYS A 360 -3.32 6.98 -13.19
C CYS A 360 -4.66 6.72 -12.52
N ASP A 361 -4.64 6.13 -11.33
CA ASP A 361 -5.86 5.79 -10.61
C ASP A 361 -6.66 7.05 -10.26
N GLY A 362 -7.97 7.01 -10.54
CA GLY A 362 -8.88 8.11 -10.21
C GLY A 362 -9.14 8.27 -8.73
N LEU A 363 -8.86 7.25 -7.93
CA LEU A 363 -9.00 7.31 -6.48
C LEU A 363 -7.76 7.92 -5.80
N ASP A 364 -6.69 8.19 -6.55
CA ASP A 364 -5.45 8.74 -6.01
C ASP A 364 -5.65 10.25 -5.82
N ARG A 365 -6.39 10.59 -4.77
CA ARG A 365 -6.67 11.97 -4.40
C ARG A 365 -6.23 12.18 -2.96
N ILE A 366 -5.45 13.24 -2.73
CA ILE A 366 -4.90 13.52 -1.41
C ILE A 366 -5.80 14.46 -0.61
N VAL A 367 -6.33 15.51 -1.25
CA VAL A 367 -7.17 16.49 -0.60
C VAL A 367 -8.33 16.81 -1.53
N GLU A 368 -9.56 16.60 -1.05
CA GLU A 368 -10.73 16.83 -1.89
C GLU A 368 -10.94 18.33 -2.12
N ARG A 369 -10.93 19.12 -1.05
CA ARG A 369 -11.21 20.56 -1.14
C ARG A 369 -10.47 21.29 -0.03
N CYS A 370 -9.64 22.26 -0.44
CA CYS A 370 -8.99 23.18 0.49
C CYS A 370 -8.85 24.54 -0.19
N ASP A 371 -8.49 25.55 0.57
CA ASP A 371 -8.32 26.90 0.05
C ASP A 371 -6.82 27.17 -0.11
N LEU A 372 -6.40 27.46 -1.34
CA LEU A 372 -5.00 27.77 -1.63
C LEU A 372 -4.92 28.96 -2.57
N PRO A 373 -3.86 29.76 -2.50
CA PRO A 373 -3.58 30.70 -3.58
C PRO A 373 -3.26 29.96 -4.86
N GLU A 374 -3.40 30.66 -5.99
CA GLU A 374 -3.04 30.03 -7.26
C GLU A 374 -1.56 29.71 -7.26
N MET A 375 -1.25 28.44 -7.49
CA MET A 375 0.12 27.93 -7.49
C MET A 375 0.47 27.45 -8.90
N HIS A 376 1.74 27.10 -9.09
CA HIS A 376 2.25 26.76 -10.41
C HIS A 376 3.08 25.49 -10.37
N VAL A 377 3.16 24.82 -11.53
CA VAL A 377 4.07 23.69 -11.66
C VAL A 377 5.46 24.11 -11.23
N GLY A 378 6.13 23.26 -10.43
CA GLY A 378 7.42 23.57 -9.85
C GLY A 378 7.37 24.10 -8.42
N ASP A 379 6.22 24.59 -7.97
CA ASP A 379 6.05 24.97 -6.57
C ASP A 379 5.98 23.72 -5.69
N TRP A 380 6.38 23.88 -4.44
CA TRP A 380 6.40 22.82 -3.45
C TRP A 380 5.25 22.97 -2.46
N MET A 381 4.77 21.82 -1.96
CA MET A 381 3.86 21.74 -0.84
C MET A 381 4.49 20.93 0.29
N LEU A 382 4.28 21.37 1.52
CA LEU A 382 4.83 20.69 2.69
C LEU A 382 3.71 20.01 3.47
N PHE A 383 4.01 18.83 3.99
CA PHE A 383 3.14 18.13 4.92
C PHE A 383 3.93 17.79 6.16
N GLU A 384 3.53 18.32 7.30
CA GLU A 384 4.18 18.06 8.57
C GLU A 384 3.63 16.79 9.20
N ASN A 385 4.34 16.30 10.21
CA ASN A 385 3.86 15.19 11.05
C ASN A 385 3.58 13.95 10.20
N MET A 386 4.48 13.66 9.27
CA MET A 386 4.32 12.56 8.32
C MET A 386 5.27 11.40 8.62
N GLY A 387 5.62 11.20 9.88
CA GLY A 387 6.55 10.16 10.25
C GLY A 387 5.94 8.80 10.53
N ALA A 388 4.66 8.77 10.91
CA ALA A 388 4.01 7.58 11.43
C ALA A 388 3.05 6.98 10.39
N TYR A 389 3.21 5.69 10.12
CA TYR A 389 2.34 4.93 9.22
C TYR A 389 2.22 5.58 7.85
N THR A 390 3.34 6.06 7.34
CA THR A 390 3.41 6.62 6.01
C THR A 390 4.38 5.83 5.14
N VAL A 391 5.69 6.00 5.37
CA VAL A 391 6.68 5.29 4.57
C VAL A 391 6.61 3.79 4.82
N ALA A 392 6.25 3.36 6.04
CA ALA A 392 6.25 1.95 6.39
C ALA A 392 5.27 1.14 5.54
N ALA A 393 4.25 1.77 4.95
CA ALA A 393 3.21 1.07 4.22
C ALA A 393 3.09 1.56 2.78
N ALA A 394 4.08 2.28 2.29
CA ALA A 394 4.08 2.77 0.92
C ALA A 394 4.50 1.67 -0.06
N SER A 395 3.95 1.72 -1.27
CA SER A 395 4.31 0.84 -2.36
C SER A 395 4.90 1.65 -3.51
N THR A 396 5.43 0.93 -4.50
CA THR A 396 5.90 1.53 -5.74
C THR A 396 4.93 1.30 -6.91
N PHE A 397 3.63 1.25 -6.62
CA PHE A 397 2.60 1.17 -7.67
C PHE A 397 2.82 2.22 -8.75
N ASN A 398 2.63 1.79 -10.00
CA ASN A 398 2.79 2.61 -11.20
C ASN A 398 4.25 2.91 -11.47
N GLY A 399 5.17 2.38 -10.66
CA GLY A 399 6.59 2.58 -10.83
C GLY A 399 7.15 3.83 -10.17
N PHE A 400 6.35 4.57 -9.41
CA PHE A 400 6.82 5.76 -8.72
C PHE A 400 7.61 5.39 -7.47
N GLN A 401 8.82 5.92 -7.39
CA GLN A 401 9.78 5.48 -6.38
C GLN A 401 9.52 6.17 -5.04
N ARG A 402 10.06 5.55 -4.00
CA ARG A 402 9.93 6.08 -2.64
C ARG A 402 10.68 7.41 -2.54
N PRO A 403 10.10 8.41 -1.86
CA PRO A 403 10.83 9.67 -1.64
C PRO A 403 12.14 9.49 -0.89
N THR A 404 13.14 10.27 -1.29
CA THR A 404 14.40 10.32 -0.58
C THR A 404 14.19 10.89 0.82
N ILE A 405 14.80 10.25 1.81
CA ILE A 405 14.80 10.74 3.19
C ILE A 405 16.15 11.38 3.52
N TYR A 406 16.15 12.64 3.93
CA TYR A 406 17.35 13.32 4.41
C TYR A 406 17.30 13.40 5.93
N TYR A 407 18.16 12.64 6.60
CA TYR A 407 18.30 12.69 8.07
C TYR A 407 19.18 13.85 8.51
N VAL A 408 18.69 14.66 9.46
CA VAL A 408 19.46 15.75 10.06
C VAL A 408 19.50 15.61 11.58
N MET A 409 20.58 16.11 12.18
CA MET A 409 20.76 16.12 13.63
C MET A 409 21.72 17.25 14.02
N SER A 410 21.33 18.06 15.00
CA SER A 410 22.20 19.11 15.52
C SER A 410 23.28 18.52 16.42
N GLY A 411 24.28 19.35 16.74
CA GLY A 411 25.34 18.96 17.65
C GLY A 411 24.85 18.70 19.05
N PRO A 412 24.11 19.65 19.63
CA PRO A 412 23.49 19.39 20.95
C PRO A 412 22.63 18.13 20.99
N ALA A 413 21.86 17.87 19.94
CA ALA A 413 21.11 16.62 19.87
C ALA A 413 22.03 15.41 19.97
N TRP A 414 23.16 15.44 19.26
CA TRP A 414 24.10 14.32 19.32
C TRP A 414 24.68 14.19 20.74
N GLN A 415 24.96 15.32 21.39
CA GLN A 415 25.41 15.29 22.78
C GLN A 415 24.37 14.63 23.69
N LEU A 416 23.11 15.03 23.55
CA LEU A 416 22.03 14.42 24.34
C LEU A 416 21.99 12.91 24.13
N MET A 417 22.17 12.47 22.88
CA MET A 417 22.19 11.04 22.60
C MET A 417 23.35 10.37 23.32
N GLN A 418 24.48 11.07 23.45
CA GLN A 418 25.63 10.51 24.14
C GLN A 418 25.34 10.35 25.63
N GLN A 419 24.66 11.34 26.21
CA GLN A 419 24.26 11.25 27.61
C GLN A 419 23.35 10.05 27.84
N PHE A 420 22.34 9.87 26.99
CA PHE A 420 21.49 8.68 27.10
C PHE A 420 22.30 7.40 26.95
N GLN A 421 23.25 7.38 26.02
CA GLN A 421 24.04 6.18 25.78
C GLN A 421 24.96 5.83 26.94
N ASN A 422 25.29 6.80 27.79
CA ASN A 422 26.00 6.54 29.04
C ASN A 422 25.02 6.37 30.21
N GLU B 7 14.05 -16.23 -8.82
CA GLU B 7 12.73 -16.82 -9.14
C GLU B 7 12.00 -16.01 -10.22
N GLU B 8 12.40 -14.75 -10.41
CA GLU B 8 11.71 -13.86 -11.36
C GLU B 8 11.87 -14.35 -12.80
N PHE B 9 13.05 -14.86 -13.15
CA PHE B 9 13.32 -15.38 -14.49
C PHE B 9 13.27 -16.91 -14.53
N ASP B 10 12.92 -17.55 -13.42
CA ASP B 10 12.77 -18.99 -13.33
C ASP B 10 11.37 -19.38 -13.76
N CYS B 11 11.28 -20.29 -14.72
CA CYS B 11 10.00 -20.83 -15.20
C CYS B 11 10.03 -22.35 -15.14
N HIS B 12 8.91 -22.93 -14.72
CA HIS B 12 8.78 -24.37 -14.56
C HIS B 12 7.91 -24.97 -15.66
N PHE B 13 8.24 -26.21 -16.05
CA PHE B 13 7.47 -26.95 -17.04
C PHE B 13 6.15 -27.47 -16.48
N LEU B 14 5.09 -27.34 -17.26
CA LEU B 14 3.77 -27.88 -16.95
C LEU B 14 3.50 -29.09 -17.83
N ASP B 15 3.40 -30.26 -17.22
CA ASP B 15 3.22 -31.50 -17.97
C ASP B 15 1.87 -31.53 -18.67
N GLU B 16 1.78 -32.36 -19.70
CA GLU B 16 0.52 -32.57 -20.41
C GLU B 16 -0.55 -33.10 -19.45
N GLY B 17 -1.77 -32.59 -19.59
CA GLY B 17 -2.85 -33.03 -18.71
C GLY B 17 -2.74 -32.53 -17.29
N PHE B 18 -1.93 -31.49 -17.05
CA PHE B 18 -1.86 -30.80 -15.78
C PHE B 18 -2.23 -29.33 -15.97
N THR B 19 -3.00 -28.79 -15.04
CA THR B 19 -3.35 -27.39 -14.97
C THR B 19 -2.61 -26.71 -13.81
N ALA B 20 -2.77 -25.38 -13.72
CA ALA B 20 -2.21 -24.63 -12.59
C ALA B 20 -2.78 -25.10 -11.27
N LYS B 21 -4.04 -25.50 -11.26
CA LYS B 21 -4.68 -25.98 -10.03
C LYS B 21 -3.98 -27.26 -9.53
N ASP B 22 -3.63 -28.15 -10.45
CA ASP B 22 -2.93 -29.38 -10.08
C ASP B 22 -1.57 -29.09 -9.48
N ILE B 23 -0.81 -28.17 -10.09
CA ILE B 23 0.51 -27.79 -9.58
C ILE B 23 0.38 -27.17 -8.19
N LEU B 24 -0.66 -26.36 -7.99
CA LEU B 24 -0.94 -25.81 -6.67
C LEU B 24 -1.13 -26.94 -5.65
N ASP B 25 -2.05 -27.86 -5.94
CA ASP B 25 -2.30 -29.00 -5.06
C ASP B 25 -1.01 -29.77 -4.75
N GLN B 26 -0.24 -30.09 -5.79
CA GLN B 26 1.00 -30.83 -5.63
C GLN B 26 1.93 -30.12 -4.65
N LYS B 27 2.16 -28.83 -4.86
CA LYS B 27 3.07 -28.09 -4.01
C LYS B 27 2.60 -28.12 -2.56
N ILE B 28 1.28 -28.03 -2.36
CA ILE B 28 0.75 -28.02 -0.99
C ILE B 28 1.03 -29.34 -0.29
N ASN B 29 0.77 -30.46 -0.98
CA ASN B 29 0.92 -31.76 -0.34
C ASN B 29 2.38 -32.09 0.01
N GLU B 30 3.34 -31.45 -0.66
CA GLU B 30 4.77 -31.71 -0.40
C GLU B 30 5.34 -30.87 0.75
N VAL B 31 4.55 -29.95 1.31
CA VAL B 31 4.95 -29.04 2.39
C VAL B 31 4.28 -29.40 3.71
N SER B 32 3.50 -30.48 3.73
CA SER B 32 2.71 -30.85 4.91
C SER B 32 3.58 -31.18 6.12
N SER B 33 4.69 -31.91 5.92
CA SER B 33 5.55 -32.25 7.05
C SER B 33 6.33 -31.03 7.54
N SER B 34 6.83 -30.21 6.62
CA SER B 34 7.70 -29.08 6.92
C SER B 34 6.98 -27.97 7.70
N ASP B 35 7.78 -27.20 8.44
CA ASP B 35 7.28 -26.04 9.18
C ASP B 35 6.91 -24.87 8.26
N ASP B 36 7.67 -24.65 7.19
CA ASP B 36 7.60 -23.41 6.39
C ASP B 36 6.43 -23.44 5.40
N LYS B 37 5.43 -22.60 5.67
CA LYS B 37 4.20 -22.55 4.87
C LYS B 37 3.83 -21.11 4.55
N ASP B 38 4.74 -20.37 3.90
CA ASP B 38 4.47 -19.00 3.47
C ASP B 38 3.47 -18.98 2.31
N ALA B 39 2.80 -17.84 2.15
CA ALA B 39 1.91 -17.68 1.00
C ALA B 39 2.70 -17.70 -0.30
N PHE B 40 2.06 -18.13 -1.38
CA PHE B 40 2.74 -18.14 -2.66
C PHE B 40 1.74 -18.06 -3.81
N TYR B 41 2.22 -17.61 -4.96
CA TYR B 41 1.44 -17.53 -6.19
C TYR B 41 1.86 -18.62 -7.15
N VAL B 42 0.89 -19.16 -7.89
CA VAL B 42 1.16 -19.88 -9.14
C VAL B 42 0.69 -19.01 -10.30
N ALA B 43 1.62 -18.68 -11.21
CA ALA B 43 1.34 -17.83 -12.38
C ALA B 43 1.51 -18.66 -13.65
N ASP B 44 0.40 -18.91 -14.35
CA ASP B 44 0.41 -19.64 -15.62
C ASP B 44 0.59 -18.65 -16.78
N LEU B 45 1.79 -18.63 -17.35
CA LEU B 45 2.04 -17.78 -18.51
C LEU B 45 1.25 -18.25 -19.73
N GLY B 46 0.96 -19.55 -19.78
CA GLY B 46 0.08 -20.07 -20.82
C GLY B 46 -1.26 -19.37 -20.83
N ASP B 47 -1.81 -19.06 -19.65
CA ASP B 47 -3.09 -18.35 -19.59
C ASP B 47 -2.99 -16.99 -20.28
N ILE B 48 -1.83 -16.35 -20.20
CA ILE B 48 -1.63 -15.06 -20.87
C ILE B 48 -1.60 -15.26 -22.39
N LEU B 49 -0.97 -16.34 -22.86
CA LEU B 49 -1.02 -16.60 -24.31
C LEU B 49 -2.45 -16.86 -24.75
N LYS B 50 -3.21 -17.59 -23.94
CA LYS B 50 -4.61 -17.87 -24.24
C LYS B 50 -5.40 -16.57 -24.36
N LYS B 51 -5.17 -15.63 -23.42
CA LYS B 51 -5.86 -14.35 -23.47
C LYS B 51 -5.48 -13.59 -24.73
N HIS B 52 -4.22 -13.68 -25.17
CA HIS B 52 -3.82 -12.98 -26.39
C HIS B 52 -4.54 -13.54 -27.62
N LEU B 53 -4.60 -14.87 -27.72
CA LEU B 53 -5.33 -15.48 -28.85
C LEU B 53 -6.78 -15.00 -28.83
N ARG B 54 -7.39 -15.02 -27.65
CA ARG B 54 -8.78 -14.60 -27.51
C ARG B 54 -8.93 -13.16 -27.99
N TRP B 55 -7.97 -12.30 -27.64
CA TRP B 55 -8.01 -10.90 -28.04
C TRP B 55 -7.88 -10.74 -29.56
N LEU B 56 -6.93 -11.45 -30.16
CA LEU B 56 -6.75 -11.40 -31.61
C LEU B 56 -8.03 -11.81 -32.34
N LYS B 57 -8.77 -12.76 -31.76
CA LYS B 57 -10.02 -13.20 -32.38
C LYS B 57 -11.15 -12.20 -32.17
N ALA B 58 -11.28 -11.64 -30.97
CA ALA B 58 -12.43 -10.80 -30.64
C ALA B 58 -12.29 -9.36 -31.13
N LEU B 59 -11.07 -8.83 -31.21
CA LEU B 59 -10.82 -7.45 -31.60
C LEU B 59 -9.73 -7.40 -32.66
N PRO B 60 -9.99 -7.95 -33.85
CA PRO B 60 -8.92 -8.08 -34.85
C PRO B 60 -8.34 -6.77 -35.35
N ARG B 61 -9.08 -5.66 -35.23
CA ARG B 61 -8.63 -4.35 -35.70
C ARG B 61 -7.84 -3.58 -34.63
N VAL B 62 -7.72 -4.11 -33.42
CA VAL B 62 -7.23 -3.36 -32.26
C VAL B 62 -5.90 -3.94 -31.80
N THR B 63 -4.86 -3.12 -31.79
CA THR B 63 -3.56 -3.56 -31.29
C THR B 63 -3.50 -3.39 -29.78
N PRO B 64 -3.27 -4.46 -29.00
CA PRO B 64 -3.25 -4.34 -27.53
C PRO B 64 -1.93 -3.79 -27.02
N PHE B 65 -2.00 -2.77 -26.15
CA PHE B 65 -0.86 -2.21 -25.42
C PHE B 65 -1.03 -2.54 -23.94
N TYR B 66 -0.27 -3.50 -23.44
CA TYR B 66 -0.40 -3.96 -22.05
C TYR B 66 -0.12 -2.84 -21.03
N ALA B 67 -1.08 -2.60 -20.15
CA ALA B 67 -0.95 -1.64 -19.04
C ALA B 67 -0.03 -2.21 -17.96
N VAL B 68 1.24 -1.81 -18.01
CA VAL B 68 2.25 -2.41 -17.14
C VAL B 68 1.91 -2.24 -15.66
N LYS B 69 1.36 -1.09 -15.26
CA LYS B 69 1.05 -0.85 -13.86
C LYS B 69 0.19 -1.94 -13.25
N CYS B 70 -0.59 -2.65 -14.05
CA CYS B 70 -1.46 -3.70 -13.53
C CYS B 70 -0.63 -4.76 -12.82
N ASN B 71 0.50 -5.16 -13.42
CA ASN B 71 1.36 -6.20 -12.87
C ASN B 71 2.68 -6.08 -13.61
N ASP B 72 3.71 -5.57 -12.93
CA ASP B 72 4.98 -5.26 -13.59
C ASP B 72 6.00 -6.40 -13.49
N SER B 73 5.53 -7.63 -13.30
CA SER B 73 6.40 -8.81 -13.24
C SER B 73 7.18 -8.98 -14.54
N LYS B 74 8.50 -9.04 -14.42
CA LYS B 74 9.36 -9.14 -15.60
C LYS B 74 9.01 -10.34 -16.48
N ALA B 75 8.54 -11.43 -15.87
CA ALA B 75 8.14 -12.61 -16.64
C ALA B 75 6.89 -12.30 -17.48
N ILE B 76 5.96 -11.53 -16.92
CA ILE B 76 4.75 -11.16 -17.64
C ILE B 76 5.13 -10.31 -18.86
N VAL B 77 5.94 -9.28 -18.61
CA VAL B 77 6.30 -8.33 -19.66
C VAL B 77 7.13 -9.03 -20.72
N LYS B 78 8.00 -9.96 -20.31
CA LYS B 78 8.81 -10.72 -21.26
C LYS B 78 7.92 -11.58 -22.16
N THR B 79 6.95 -12.28 -21.57
CA THR B 79 6.04 -13.12 -22.36
C THR B 79 5.24 -12.28 -23.35
N LEU B 80 4.67 -11.17 -22.86
CA LEU B 80 3.88 -10.30 -23.72
C LEU B 80 4.73 -9.69 -24.83
N ALA B 81 5.97 -9.31 -24.50
CA ALA B 81 6.85 -8.72 -25.49
C ALA B 81 7.17 -9.72 -26.59
N ALA B 82 7.41 -10.97 -26.21
CA ALA B 82 7.61 -12.02 -27.21
C ALA B 82 6.37 -12.19 -28.06
N THR B 83 5.19 -12.00 -27.47
CA THR B 83 3.93 -12.14 -28.20
C THR B 83 3.75 -11.03 -29.23
N GLY B 84 4.40 -9.89 -29.04
CA GLY B 84 4.33 -8.77 -29.94
C GLY B 84 3.35 -7.69 -29.59
N THR B 85 2.83 -7.69 -28.36
CA THR B 85 1.97 -6.60 -27.91
C THR B 85 2.78 -5.33 -27.67
N GLY B 86 2.08 -4.20 -27.65
CA GLY B 86 2.63 -2.96 -27.17
C GLY B 86 2.61 -2.88 -25.64
N PHE B 87 3.06 -1.73 -25.14
CA PHE B 87 3.07 -1.48 -23.70
C PHE B 87 2.66 -0.06 -23.39
N ASP B 88 1.69 0.06 -22.48
CA ASP B 88 1.30 1.34 -21.88
C ASP B 88 2.13 1.55 -20.61
N CYS B 89 2.98 2.58 -20.63
CA CYS B 89 3.83 2.91 -19.50
C CYS B 89 3.41 4.26 -18.91
N ALA B 90 3.37 4.34 -17.59
CA ALA B 90 2.92 5.54 -16.91
C ALA B 90 4.05 6.30 -16.23
N SER B 91 5.27 5.78 -16.25
CA SER B 91 6.37 6.39 -15.51
C SER B 91 7.69 6.00 -16.14
N LYS B 92 8.75 6.66 -15.67
CA LYS B 92 10.10 6.35 -16.13
C LYS B 92 10.49 4.89 -15.81
N THR B 93 10.17 4.43 -14.60
CA THR B 93 10.53 3.07 -14.19
C THR B 93 9.90 2.04 -15.12
N GLU B 94 8.64 2.25 -15.53
CA GLU B 94 7.99 1.27 -16.38
C GLU B 94 8.61 1.30 -17.78
N ILE B 95 8.98 2.49 -18.26
CA ILE B 95 9.69 2.59 -19.54
C ILE B 95 11.02 1.84 -19.45
N GLN B 96 11.79 2.07 -18.39
CA GLN B 96 13.05 1.35 -18.19
C GLN B 96 12.81 -0.16 -18.22
N LEU B 97 11.80 -0.65 -17.50
CA LEU B 97 11.54 -2.08 -17.44
C LEU B 97 11.28 -2.63 -18.84
N VAL B 98 10.39 -1.97 -19.58
CA VAL B 98 9.99 -2.49 -20.88
C VAL B 98 11.19 -2.45 -21.83
N GLN B 99 11.94 -1.34 -21.82
CA GLN B 99 13.08 -1.22 -22.72
C GLN B 99 14.21 -2.18 -22.34
N SER B 100 14.40 -2.43 -21.04
CA SER B 100 15.41 -3.37 -20.59
C SER B 100 15.12 -4.78 -21.12
N LEU B 101 13.86 -5.07 -21.42
CA LEU B 101 13.53 -6.37 -22.00
C LEU B 101 13.59 -6.36 -23.53
N GLY B 102 14.13 -5.29 -24.14
CA GLY B 102 14.38 -5.26 -25.57
C GLY B 102 13.24 -4.73 -26.41
N VAL B 103 12.26 -4.07 -25.81
CA VAL B 103 11.13 -3.51 -26.57
C VAL B 103 11.52 -2.17 -27.15
N PRO B 104 11.34 -1.95 -28.44
CA PRO B 104 11.65 -0.66 -29.07
C PRO B 104 10.66 0.43 -28.69
N PRO B 105 11.06 1.70 -28.77
CA PRO B 105 10.17 2.78 -28.30
C PRO B 105 8.84 2.86 -29.05
N GLU B 106 8.79 2.44 -30.31
CA GLU B 106 7.56 2.59 -31.08
C GLU B 106 6.48 1.60 -30.66
N ARG B 107 6.80 0.70 -29.73
CA ARG B 107 5.82 -0.18 -29.12
C ARG B 107 5.47 0.26 -27.69
N ILE B 108 5.76 1.51 -27.35
CA ILE B 108 5.49 2.07 -26.04
C ILE B 108 4.65 3.32 -26.22
N ILE B 109 3.52 3.40 -25.51
CA ILE B 109 2.77 4.65 -25.37
C ILE B 109 2.87 5.10 -23.91
N TYR B 110 3.22 6.37 -23.73
CA TYR B 110 3.36 6.99 -22.42
C TYR B 110 2.01 7.59 -22.04
N ALA B 111 1.13 6.74 -21.52
CA ALA B 111 -0.30 7.05 -21.38
C ALA B 111 -0.64 7.52 -19.97
N ASN B 112 0.13 8.47 -19.50
CA ASN B 112 -0.10 9.18 -18.24
C ASN B 112 -0.39 10.62 -18.61
N PRO B 113 -1.58 11.15 -18.36
CA PRO B 113 -1.90 12.51 -18.85
C PRO B 113 -1.16 13.61 -18.11
N CYS B 114 -0.65 13.36 -16.90
CA CYS B 114 -0.10 14.40 -16.03
C CYS B 114 1.29 13.99 -15.54
N LYS B 115 2.31 14.31 -16.34
CA LYS B 115 3.65 13.74 -16.20
C LYS B 115 4.62 14.78 -15.64
N GLN B 116 5.44 14.38 -14.67
CA GLN B 116 6.56 15.19 -14.22
C GLN B 116 7.51 15.52 -15.37
N VAL B 117 7.96 16.78 -15.42
CA VAL B 117 8.81 17.27 -16.51
C VAL B 117 10.03 16.36 -16.71
N SER B 118 10.73 16.01 -15.62
CA SER B 118 11.92 15.17 -15.75
C SER B 118 11.60 13.82 -16.39
N GLN B 119 10.40 13.28 -16.14
CA GLN B 119 10.01 12.00 -16.74
C GLN B 119 9.65 12.17 -18.22
N ILE B 120 9.03 13.29 -18.59
CA ILE B 120 8.84 13.60 -20.00
C ILE B 120 10.19 13.67 -20.70
N LYS B 121 11.14 14.37 -20.07
CA LYS B 121 12.49 14.47 -20.62
C LYS B 121 13.10 13.07 -20.78
N TYR B 122 12.96 12.22 -19.77
CA TYR B 122 13.46 10.85 -19.88
C TYR B 122 12.86 10.14 -21.09
N ALA B 123 11.55 10.29 -21.29
CA ALA B 123 10.90 9.67 -22.45
C ALA B 123 11.52 10.20 -23.74
N ALA B 124 11.72 11.51 -23.83
CA ALA B 124 12.31 12.10 -25.02
C ALA B 124 13.71 11.55 -25.29
N ASN B 125 14.54 11.45 -24.24
CA ASN B 125 15.90 10.92 -24.37
C ASN B 125 15.91 9.48 -24.89
N ASN B 126 14.89 8.68 -24.62
CA ASN B 126 14.87 7.28 -25.00
C ASN B 126 13.91 7.02 -26.14
N GLY B 127 13.48 8.07 -26.85
CA GLY B 127 12.79 7.92 -28.11
C GLY B 127 11.35 7.48 -28.02
N VAL B 128 10.73 7.64 -26.86
CA VAL B 128 9.30 7.38 -26.70
C VAL B 128 8.56 8.65 -27.11
N GLN B 129 7.93 8.61 -28.28
CA GLN B 129 7.38 9.80 -28.93
C GLN B 129 5.93 10.06 -28.54
N MET B 130 5.16 9.00 -28.31
CA MET B 130 3.70 9.10 -28.16
C MET B 130 3.31 9.24 -26.69
N MET B 131 2.60 10.31 -26.37
CA MET B 131 2.17 10.57 -25.00
C MET B 131 0.73 11.06 -25.03
N THR B 132 -0.01 10.80 -23.95
CA THR B 132 -1.34 11.38 -23.83
C THR B 132 -1.29 12.72 -23.07
N PHE B 133 -2.37 13.48 -23.21
CA PHE B 133 -2.52 14.72 -22.45
C PHE B 133 -4.00 15.08 -22.36
N ASP B 134 -4.34 15.93 -21.36
CA ASP B 134 -5.70 16.47 -21.31
C ASP B 134 -5.78 17.88 -20.73
N SER B 135 -4.71 18.68 -20.81
CA SER B 135 -4.69 20.02 -20.21
C SER B 135 -3.71 20.91 -20.96
N GLU B 136 -3.91 22.23 -20.82
CA GLU B 136 -3.01 23.20 -21.43
C GLU B 136 -1.63 23.20 -20.79
N VAL B 137 -1.57 23.08 -19.46
CA VAL B 137 -0.27 23.08 -18.79
C VAL B 137 0.58 21.94 -19.28
N GLU B 138 -0.05 20.80 -19.59
CA GLU B 138 0.68 19.67 -20.16
C GLU B 138 1.24 20.04 -21.53
N LEU B 139 0.49 20.80 -22.32
CA LEU B 139 1.00 21.25 -23.62
C LEU B 139 2.23 22.12 -23.44
N MET B 140 2.20 23.03 -22.46
CA MET B 140 3.37 23.87 -22.20
C MET B 140 4.57 23.02 -21.80
N LYS B 141 4.36 22.07 -20.89
CA LYS B 141 5.46 21.22 -20.43
C LYS B 141 6.04 20.42 -21.59
N VAL B 142 5.17 19.88 -22.45
CA VAL B 142 5.62 19.12 -23.62
C VAL B 142 6.37 20.01 -24.60
N ALA B 143 5.84 21.22 -24.86
CA ALA B 143 6.50 22.17 -25.75
C ALA B 143 7.91 22.48 -25.28
N ARG B 144 8.12 22.57 -23.97
CA ARG B 144 9.44 22.91 -23.47
C ARG B 144 10.35 21.69 -23.34
N ALA B 145 9.80 20.48 -23.14
CA ALA B 145 10.59 19.33 -22.73
C ALA B 145 10.61 18.15 -23.70
N HIS B 146 9.67 18.06 -24.65
CA HIS B 146 9.65 16.96 -25.64
C HIS B 146 8.89 17.48 -26.86
N PRO B 147 9.41 18.53 -27.52
CA PRO B 147 8.60 19.27 -28.51
C PRO B 147 8.19 18.48 -29.75
N LYS B 148 8.91 17.44 -30.12
CA LYS B 148 8.61 16.65 -31.31
C LYS B 148 7.67 15.49 -31.01
N ALA B 149 7.06 15.48 -29.82
CA ALA B 149 6.19 14.40 -29.39
C ALA B 149 4.90 14.32 -30.23
N LYS B 150 4.39 13.08 -30.35
CA LYS B 150 3.09 12.79 -30.95
C LYS B 150 2.06 12.66 -29.82
N LEU B 151 1.18 13.66 -29.69
CA LEU B 151 0.26 13.73 -28.56
C LEU B 151 -1.09 13.09 -28.90
N VAL B 152 -1.63 12.38 -27.92
CA VAL B 152 -2.97 11.80 -27.97
C VAL B 152 -3.84 12.49 -26.92
N LEU B 153 -4.88 13.16 -27.39
CA LEU B 153 -5.81 13.85 -26.50
C LEU B 153 -6.70 12.83 -25.79
N ARG B 154 -6.64 12.79 -24.46
CA ARG B 154 -7.52 11.95 -23.68
C ARG B 154 -8.82 12.68 -23.35
N ILE B 155 -9.96 12.09 -23.75
CA ILE B 155 -11.27 12.69 -23.50
C ILE B 155 -11.95 11.99 -22.34
N ALA B 156 -12.85 12.72 -21.69
CA ALA B 156 -13.62 12.19 -20.56
C ALA B 156 -14.67 11.19 -21.00
N THR B 157 -14.96 10.25 -20.10
CA THR B 157 -16.06 9.30 -20.24
C THR B 157 -16.92 9.36 -18.99
N ASP B 158 -18.23 9.11 -19.14
CA ASP B 158 -19.14 9.11 -18.00
C ASP B 158 -19.17 7.72 -17.34
N ASP B 159 -18.73 7.64 -16.08
CA ASP B 159 -18.93 6.45 -15.24
C ASP B 159 -19.94 6.81 -14.15
N SER B 160 -21.21 6.46 -14.39
CA SER B 160 -22.32 6.75 -13.47
C SER B 160 -22.18 6.05 -12.13
N LYS B 161 -21.31 5.03 -12.04
CA LYS B 161 -21.13 4.22 -10.84
C LYS B 161 -19.94 4.66 -9.99
N ALA B 162 -19.13 5.60 -10.48
CA ALA B 162 -17.97 6.09 -9.75
C ALA B 162 -18.35 6.76 -8.43
N VAL B 163 -17.47 6.62 -7.44
CA VAL B 163 -17.69 7.15 -6.08
C VAL B 163 -17.58 8.68 -6.04
N CYS B 164 -16.70 9.26 -6.87
CA CYS B 164 -16.50 10.71 -6.93
C CYS B 164 -16.79 11.18 -8.36
N ARG B 165 -18.01 11.66 -8.57
CA ARG B 165 -18.51 11.97 -9.91
C ARG B 165 -18.29 13.42 -10.34
N LEU B 166 -18.06 14.33 -9.40
CA LEU B 166 -17.92 15.75 -9.71
C LEU B 166 -16.48 16.17 -9.98
N SER B 167 -15.53 15.40 -9.46
CA SER B 167 -14.09 15.67 -9.60
C SER B 167 -13.48 14.47 -10.32
N VAL B 168 -13.47 14.51 -11.63
CA VAL B 168 -12.84 13.46 -12.44
C VAL B 168 -11.36 13.81 -12.60
N LYS B 169 -10.49 12.84 -12.36
CA LYS B 169 -9.04 13.08 -12.41
C LYS B 169 -8.56 13.36 -13.83
N PHE B 170 -9.09 12.65 -14.82
CA PHE B 170 -8.56 12.66 -16.17
C PHE B 170 -9.68 12.81 -17.18
N GLY B 171 -9.33 13.34 -18.35
CA GLY B 171 -10.24 13.36 -19.48
C GLY B 171 -10.79 14.75 -19.76
N ALA B 172 -10.59 15.23 -20.98
CA ALA B 172 -11.12 16.52 -21.42
C ALA B 172 -12.53 16.39 -21.97
N THR B 173 -13.39 17.36 -21.63
CA THR B 173 -14.70 17.48 -22.28
C THR B 173 -14.53 17.85 -23.76
N LEU B 174 -15.62 17.75 -24.53
CA LEU B 174 -15.58 18.13 -25.93
C LEU B 174 -15.27 19.63 -26.08
N ARG B 175 -15.89 20.45 -25.22
CA ARG B 175 -15.63 21.89 -25.25
C ARG B 175 -14.15 22.16 -25.04
N THR B 176 -13.59 21.62 -23.94
CA THR B 176 -12.17 21.78 -23.65
C THR B 176 -11.31 21.18 -24.76
N SER B 177 -11.73 20.05 -25.34
CA SER B 177 -10.94 19.41 -26.40
C SER B 177 -10.69 20.37 -27.56
N ARG B 178 -11.72 21.12 -27.96
CA ARG B 178 -11.53 22.06 -29.08
C ARG B 178 -10.45 23.09 -28.73
N LEU B 179 -10.52 23.66 -27.53
CA LEU B 179 -9.52 24.63 -27.11
C LEU B 179 -8.13 24.00 -27.04
N LEU B 180 -8.04 22.75 -26.57
CA LEU B 180 -6.76 22.07 -26.47
C LEU B 180 -6.15 21.88 -27.86
N LEU B 181 -6.97 21.54 -28.85
CA LEU B 181 -6.47 21.34 -30.21
C LEU B 181 -6.02 22.67 -30.83
N GLU B 182 -6.78 23.75 -30.61
CA GLU B 182 -6.37 25.05 -31.11
C GLU B 182 -5.07 25.51 -30.45
N ARG B 183 -4.95 25.32 -29.14
CA ARG B 183 -3.72 25.68 -28.43
C ARG B 183 -2.54 24.86 -28.93
N ALA B 184 -2.73 23.56 -29.17
CA ALA B 184 -1.65 22.73 -29.69
C ALA B 184 -1.22 23.22 -31.08
N LYS B 185 -2.17 23.66 -31.89
CA LYS B 185 -1.82 24.24 -33.18
C LYS B 185 -0.95 25.49 -33.00
N GLU B 186 -1.36 26.40 -32.09
CA GLU B 186 -0.56 27.60 -31.79
C GLU B 186 0.88 27.25 -31.42
N LEU B 187 1.08 26.25 -30.57
CA LEU B 187 2.41 25.93 -30.07
C LEU B 187 3.18 25.04 -31.03
N ASN B 188 2.57 24.67 -32.16
CA ASN B 188 3.22 23.85 -33.18
C ASN B 188 3.54 22.46 -32.64
N ILE B 189 2.59 21.89 -31.88
CA ILE B 189 2.68 20.54 -31.34
C ILE B 189 1.72 19.63 -32.10
N ASP B 190 2.19 18.43 -32.45
CA ASP B 190 1.46 17.51 -33.31
C ASP B 190 0.52 16.65 -32.47
N VAL B 191 -0.79 16.77 -32.71
CA VAL B 191 -1.79 15.90 -32.11
C VAL B 191 -2.24 14.89 -33.15
N VAL B 192 -2.08 13.60 -32.84
CA VAL B 192 -2.21 12.52 -33.82
C VAL B 192 -3.39 11.61 -33.54
N GLY B 193 -4.13 11.84 -32.46
CA GLY B 193 -5.23 10.96 -32.14
C GLY B 193 -5.89 11.28 -30.82
N VAL B 194 -6.79 10.37 -30.42
CA VAL B 194 -7.68 10.51 -29.26
C VAL B 194 -7.64 9.21 -28.45
N SER B 195 -7.69 9.34 -27.11
CA SER B 195 -7.82 8.18 -26.22
C SER B 195 -8.93 8.42 -25.20
N PHE B 196 -9.47 7.31 -24.69
CA PHE B 196 -10.40 7.36 -23.57
C PHE B 196 -10.22 6.09 -22.75
N HIS B 197 -10.74 6.14 -21.53
CA HIS B 197 -10.76 4.99 -20.63
C HIS B 197 -12.14 4.85 -20.02
N VAL B 198 -12.85 3.79 -20.37
CA VAL B 198 -14.20 3.57 -19.83
C VAL B 198 -14.14 3.22 -18.34
N GLY B 199 -13.09 2.54 -17.89
CA GLY B 199 -13.01 2.11 -16.51
C GLY B 199 -13.30 0.63 -16.34
N SER B 200 -12.75 0.06 -15.27
CA SER B 200 -12.99 -1.36 -14.99
C SER B 200 -14.43 -1.64 -14.59
N GLY B 201 -15.05 -0.77 -13.80
CA GLY B 201 -16.39 -1.05 -13.30
C GLY B 201 -17.51 -0.74 -14.28
N CYS B 202 -17.28 -1.04 -15.56
CA CYS B 202 -18.30 -0.85 -16.58
C CYS B 202 -19.43 -1.86 -16.41
N THR B 203 -20.66 -1.35 -16.42
CA THR B 203 -21.85 -2.20 -16.34
C THR B 203 -22.59 -2.34 -17.65
N ASP B 204 -22.53 -1.34 -18.52
CA ASP B 204 -23.24 -1.32 -19.80
C ASP B 204 -22.20 -1.12 -20.90
N PRO B 205 -22.10 -2.01 -21.89
CA PRO B 205 -21.10 -1.80 -22.96
C PRO B 205 -21.40 -0.60 -23.84
N GLU B 206 -22.64 -0.10 -23.84
CA GLU B 206 -22.97 1.08 -24.63
C GLU B 206 -22.05 2.26 -24.32
N THR B 207 -21.50 2.32 -23.10
CA THR B 207 -20.53 3.37 -22.77
C THR B 207 -19.41 3.44 -23.81
N PHE B 208 -18.88 2.28 -24.22
CA PHE B 208 -17.85 2.23 -25.23
C PHE B 208 -18.32 2.90 -26.52
N VAL B 209 -19.57 2.63 -26.92
CA VAL B 209 -20.09 3.22 -28.15
C VAL B 209 -20.09 4.74 -28.02
N GLN B 210 -20.56 5.24 -26.88
CA GLN B 210 -20.59 6.69 -26.69
C GLN B 210 -19.17 7.24 -26.77
N ALA B 211 -18.23 6.55 -26.15
CA ALA B 211 -16.86 7.04 -26.16
C ALA B 211 -16.34 7.07 -27.58
N ILE B 212 -16.61 6.03 -28.36
CA ILE B 212 -16.12 6.00 -29.73
C ILE B 212 -16.75 7.13 -30.52
N SER B 213 -18.06 7.35 -30.33
CA SER B 213 -18.72 8.47 -30.98
C SER B 213 -18.04 9.78 -30.59
N ASP B 214 -17.78 9.95 -29.30
CA ASP B 214 -17.13 11.17 -28.85
C ASP B 214 -15.76 11.28 -29.46
N ALA B 215 -15.02 10.17 -29.53
CA ALA B 215 -13.70 10.22 -30.14
C ALA B 215 -13.81 10.70 -31.58
N ARG B 216 -14.81 10.18 -32.32
CA ARG B 216 -14.98 10.61 -33.70
C ARG B 216 -15.17 12.12 -33.75
N CYS B 217 -16.00 12.64 -32.85
CA CYS B 217 -16.25 14.07 -32.83
C CYS B 217 -14.95 14.84 -32.69
N VAL B 218 -14.08 14.40 -31.77
CA VAL B 218 -12.82 15.10 -31.58
C VAL B 218 -11.94 14.94 -32.82
N PHE B 219 -11.97 13.77 -33.44
CA PHE B 219 -11.26 13.60 -34.72
C PHE B 219 -11.66 14.68 -35.71
N ASP B 220 -12.97 14.93 -35.84
CA ASP B 220 -13.42 15.93 -36.79
C ASP B 220 -12.88 17.31 -36.42
N MET B 221 -12.89 17.63 -35.12
CA MET B 221 -12.31 18.89 -34.68
C MET B 221 -10.85 18.98 -35.09
N GLY B 222 -10.12 17.88 -34.97
CA GLY B 222 -8.73 17.91 -35.36
C GLY B 222 -8.58 18.20 -36.83
N ALA B 223 -9.43 17.59 -37.65
CA ALA B 223 -9.40 17.85 -39.08
C ALA B 223 -9.66 19.33 -39.36
N GLU B 224 -10.57 19.94 -38.61
CA GLU B 224 -10.86 21.36 -38.80
C GLU B 224 -9.66 22.24 -38.50
N VAL B 225 -8.82 21.86 -37.52
CA VAL B 225 -7.73 22.72 -37.06
C VAL B 225 -6.48 22.48 -37.88
N GLY B 226 -6.45 21.43 -38.70
CA GLY B 226 -5.35 21.15 -39.58
C GLY B 226 -4.52 19.95 -39.19
N PHE B 227 -4.98 19.14 -38.24
CA PHE B 227 -4.26 17.95 -37.79
C PHE B 227 -4.59 16.75 -38.68
N SER B 228 -3.61 15.87 -38.81
CA SER B 228 -3.79 14.57 -39.47
C SER B 228 -3.96 13.48 -38.41
N MET B 229 -5.18 13.33 -37.91
CA MET B 229 -5.45 12.38 -36.83
C MET B 229 -5.57 10.96 -37.39
N TYR B 230 -4.84 10.01 -36.79
CA TYR B 230 -4.92 8.60 -37.18
C TYR B 230 -5.08 7.62 -36.03
N LEU B 231 -4.73 7.99 -34.79
CA LEU B 231 -4.63 7.01 -33.70
C LEU B 231 -5.85 7.09 -32.78
N LEU B 232 -6.55 5.96 -32.63
CA LEU B 232 -7.66 5.82 -31.69
C LEU B 232 -7.27 4.81 -30.62
N ASP B 233 -7.28 5.25 -29.35
CA ASP B 233 -6.92 4.42 -28.20
C ASP B 233 -8.17 4.20 -27.34
N ILE B 234 -8.70 2.97 -27.33
CA ILE B 234 -9.96 2.72 -26.66
C ILE B 234 -9.75 2.25 -25.22
N GLY B 235 -8.52 2.33 -24.73
CA GLY B 235 -8.23 2.18 -23.31
C GLY B 235 -8.34 0.74 -22.80
N GLY B 236 -8.77 0.61 -21.53
CA GLY B 236 -8.83 -0.67 -20.87
C GLY B 236 -10.18 -0.90 -20.20
N GLY B 237 -10.15 -1.69 -19.12
CA GLY B 237 -11.34 -2.00 -18.35
C GLY B 237 -12.02 -3.29 -18.72
N PHE B 238 -11.44 -4.08 -19.64
CA PHE B 238 -11.99 -5.37 -20.00
C PHE B 238 -11.76 -6.39 -18.87
N PRO B 239 -12.74 -7.25 -18.60
CA PRO B 239 -12.60 -8.20 -17.49
C PRO B 239 -11.54 -9.27 -17.74
N GLY B 240 -10.89 -9.68 -16.67
CA GLY B 240 -9.81 -10.65 -16.71
C GLY B 240 -10.18 -12.06 -16.28
N SER B 241 -11.44 -12.32 -15.95
CA SER B 241 -11.92 -13.66 -15.65
C SER B 241 -13.36 -13.80 -16.13
N GLU B 242 -13.84 -15.03 -16.14
CA GLU B 242 -15.23 -15.31 -16.48
C GLU B 242 -16.18 -15.11 -15.32
N ASP B 243 -15.66 -14.79 -14.14
CA ASP B 243 -16.44 -14.63 -12.92
C ASP B 243 -16.96 -13.20 -12.78
N VAL B 244 -17.64 -12.71 -13.82
CA VAL B 244 -18.16 -11.35 -13.89
C VAL B 244 -19.48 -11.40 -14.63
N LYS B 245 -20.33 -10.39 -14.41
CA LYS B 245 -21.62 -10.37 -15.11
C LYS B 245 -21.44 -9.99 -16.57
N LEU B 246 -20.68 -8.94 -16.84
CA LEU B 246 -20.42 -8.45 -18.20
C LEU B 246 -19.12 -9.04 -18.73
N LYS B 247 -19.25 -10.03 -19.61
CA LYS B 247 -18.12 -10.81 -20.12
C LYS B 247 -17.46 -10.13 -21.33
N PHE B 248 -16.19 -10.47 -21.55
CA PHE B 248 -15.35 -9.84 -22.56
C PHE B 248 -16.03 -9.81 -23.94
N GLU B 249 -16.57 -10.96 -24.37
CA GLU B 249 -17.10 -11.07 -25.72
C GLU B 249 -18.36 -10.21 -25.92
N GLU B 250 -19.16 -9.99 -24.87
CA GLU B 250 -20.29 -9.08 -24.99
C GLU B 250 -19.80 -7.66 -25.28
N ILE B 251 -18.77 -7.23 -24.56
CA ILE B 251 -18.18 -5.92 -24.78
C ILE B 251 -17.63 -5.82 -26.19
N THR B 252 -16.90 -6.84 -26.64
CA THR B 252 -16.28 -6.76 -27.96
C THR B 252 -17.33 -6.78 -29.08
N GLY B 253 -18.41 -7.55 -28.89
CA GLY B 253 -19.49 -7.58 -29.86
C GLY B 253 -20.17 -6.24 -30.00
N VAL B 254 -20.19 -5.44 -28.93
CA VAL B 254 -20.74 -4.09 -29.05
C VAL B 254 -19.70 -3.12 -29.63
N ILE B 255 -18.40 -3.36 -29.39
CA ILE B 255 -17.36 -2.40 -29.79
C ILE B 255 -17.10 -2.46 -31.29
N ASN B 256 -17.06 -3.67 -31.86
CA ASN B 256 -16.67 -3.80 -33.26
C ASN B 256 -17.61 -3.08 -34.23
N PRO B 257 -18.94 -3.21 -34.12
CA PRO B 257 -19.81 -2.42 -35.01
C PRO B 257 -19.61 -0.92 -34.86
N ALA B 258 -19.40 -0.45 -33.63
CA ALA B 258 -19.12 0.97 -33.42
C ALA B 258 -17.84 1.39 -34.12
N LEU B 259 -16.81 0.55 -34.07
CA LEU B 259 -15.55 0.87 -34.73
C LEU B 259 -15.74 0.89 -36.25
N ASP B 260 -16.48 -0.08 -36.78
CA ASP B 260 -16.75 -0.13 -38.21
C ASP B 260 -17.56 1.09 -38.66
N LYS B 261 -18.49 1.55 -37.82
CA LYS B 261 -19.35 2.68 -38.16
C LYS B 261 -18.59 3.99 -38.14
N TYR B 262 -17.85 4.26 -37.06
CA TYR B 262 -17.27 5.58 -36.82
C TYR B 262 -15.82 5.70 -37.26
N PHE B 263 -15.07 4.60 -37.30
CA PHE B 263 -13.67 4.59 -37.73
C PHE B 263 -13.45 3.45 -38.71
N PRO B 264 -14.02 3.55 -39.92
CA PRO B 264 -13.89 2.45 -40.88
C PRO B 264 -12.44 2.28 -41.31
N SER B 265 -12.08 1.05 -41.67
CA SER B 265 -10.68 0.75 -41.95
C SER B 265 -10.12 1.57 -43.11
N ASP B 266 -10.94 1.86 -44.14
CA ASP B 266 -10.46 2.62 -45.28
C ASP B 266 -10.05 4.04 -44.92
N SER B 267 -10.49 4.57 -43.77
CA SER B 267 -10.08 5.90 -43.35
C SER B 267 -8.61 5.98 -42.98
N GLY B 268 -7.93 4.85 -42.82
CA GLY B 268 -6.52 4.82 -42.45
C GLY B 268 -6.26 4.96 -40.96
N VAL B 269 -7.31 4.91 -40.14
CA VAL B 269 -7.16 4.95 -38.68
C VAL B 269 -6.40 3.72 -38.17
N ARG B 270 -5.60 3.94 -37.15
CA ARG B 270 -4.92 2.87 -36.42
C ARG B 270 -5.52 2.79 -35.02
N ILE B 271 -6.05 1.62 -34.65
CA ILE B 271 -6.78 1.43 -33.40
C ILE B 271 -5.94 0.60 -32.43
N ILE B 272 -5.81 1.10 -31.19
CA ILE B 272 -5.09 0.42 -30.10
C ILE B 272 -5.96 0.44 -28.84
N ALA B 273 -5.55 -0.39 -27.87
CA ALA B 273 -6.18 -0.42 -26.55
C ALA B 273 -5.10 -0.61 -25.48
N GLU B 274 -5.51 -0.41 -24.22
CA GLU B 274 -4.60 -0.44 -23.08
C GLU B 274 -5.10 -1.44 -22.03
N PRO B 275 -5.32 -2.70 -22.41
CA PRO B 275 -5.88 -3.65 -21.44
C PRO B 275 -4.86 -3.98 -20.37
N GLY B 276 -5.28 -3.87 -19.10
CA GLY B 276 -4.43 -4.32 -18.03
C GLY B 276 -4.88 -5.65 -17.44
N ARG B 277 -6.02 -5.63 -16.75
CA ARG B 277 -6.46 -6.79 -16.00
C ARG B 277 -6.87 -7.94 -16.90
N TYR B 278 -7.32 -7.63 -18.12
CA TYR B 278 -7.74 -8.67 -19.05
C TYR B 278 -6.65 -9.72 -19.25
N TYR B 279 -5.40 -9.28 -19.39
CA TYR B 279 -4.31 -10.21 -19.71
C TYR B 279 -3.87 -11.06 -18.53
N VAL B 280 -3.99 -10.57 -17.29
CA VAL B 280 -3.27 -11.21 -16.19
C VAL B 280 -4.17 -11.67 -15.05
N ALA B 281 -5.39 -11.14 -14.90
CA ALA B 281 -6.17 -11.41 -13.69
C ALA B 281 -6.24 -12.91 -13.37
N SER B 282 -6.68 -13.71 -14.34
CA SER B 282 -6.95 -15.13 -14.08
C SER B 282 -5.68 -15.97 -14.06
N ALA B 283 -4.54 -15.43 -14.50
CA ALA B 283 -3.31 -16.19 -14.62
C ALA B 283 -2.64 -16.47 -13.28
N PHE B 284 -3.00 -15.73 -12.24
CA PHE B 284 -2.37 -15.84 -10.92
C PHE B 284 -3.37 -16.41 -9.93
N THR B 285 -2.95 -17.45 -9.20
CA THR B 285 -3.72 -17.97 -8.07
C THR B 285 -2.86 -17.86 -6.80
N LEU B 286 -3.49 -17.39 -5.73
CA LEU B 286 -2.81 -17.15 -4.46
C LEU B 286 -3.17 -18.25 -3.48
N ALA B 287 -2.17 -18.79 -2.81
CA ALA B 287 -2.35 -19.75 -1.73
C ALA B 287 -1.83 -19.13 -0.45
N VAL B 288 -2.70 -19.04 0.55
CA VAL B 288 -2.31 -18.53 1.86
C VAL B 288 -2.55 -19.62 2.89
N ASN B 289 -1.75 -19.59 3.95
CA ASN B 289 -1.84 -20.58 5.00
C ASN B 289 -2.56 -19.98 6.20
N ILE B 290 -3.43 -20.78 6.82
CA ILE B 290 -4.08 -20.36 8.06
C ILE B 290 -3.04 -20.46 9.15
N ILE B 291 -2.60 -19.31 9.68
CA ILE B 291 -1.53 -19.27 10.67
C ILE B 291 -2.08 -19.13 12.08
N ALA B 292 -3.35 -18.75 12.24
CA ALA B 292 -3.88 -18.62 13.59
C ALA B 292 -5.39 -18.76 13.53
N LYS B 293 -5.99 -19.08 14.68
CA LYS B 293 -7.40 -19.45 14.74
C LYS B 293 -7.96 -19.09 16.11
N LYS B 294 -9.17 -18.52 16.10
CA LYS B 294 -9.94 -18.27 17.33
C LYS B 294 -11.37 -18.75 17.12
N ILE B 295 -11.96 -19.29 18.17
CA ILE B 295 -13.36 -19.71 18.16
C ILE B 295 -14.16 -18.79 19.06
N VAL B 296 -15.21 -18.19 18.52
CA VAL B 296 -16.07 -17.25 19.25
C VAL B 296 -17.47 -17.85 19.30
N LEU B 297 -17.98 -18.05 20.52
CA LEU B 297 -19.32 -18.60 20.72
C LEU B 297 -20.36 -17.48 20.67
N LYS B 298 -21.44 -17.71 19.92
CA LYS B 298 -22.55 -16.76 19.84
C LYS B 298 -23.84 -17.35 20.42
N SER B 310 -25.85 -22.63 21.48
CA SER B 310 -24.55 -22.02 21.27
C SER B 310 -24.04 -22.27 19.85
N GLU B 311 -23.98 -21.21 19.04
CA GLU B 311 -23.51 -21.29 17.66
C GLU B 311 -22.01 -20.97 17.61
N GLN B 312 -21.22 -21.90 17.07
CA GLN B 312 -19.78 -21.67 16.93
C GLN B 312 -19.52 -20.78 15.71
N THR B 313 -18.65 -19.78 15.89
CA THR B 313 -18.12 -19.00 14.77
C THR B 313 -16.60 -18.99 14.86
N PHE B 314 -15.95 -18.71 13.74
CA PHE B 314 -14.50 -18.83 13.68
C PHE B 314 -13.86 -17.58 13.11
N MET B 315 -12.68 -17.25 13.63
CA MET B 315 -11.81 -16.21 13.08
C MET B 315 -10.52 -16.89 12.62
N TYR B 316 -10.19 -16.77 11.33
CA TYR B 316 -9.00 -17.36 10.77
C TYR B 316 -8.03 -16.25 10.37
N TYR B 317 -6.76 -16.41 10.75
CA TYR B 317 -5.70 -15.49 10.36
C TYR B 317 -4.81 -16.23 9.37
N VAL B 318 -4.58 -15.58 8.21
CA VAL B 318 -3.75 -16.09 7.14
C VAL B 318 -2.56 -15.16 6.93
N ASN B 319 -1.56 -15.65 6.19
CA ASN B 319 -0.29 -14.94 6.06
C ASN B 319 -0.20 -14.07 4.81
N ASP B 320 -1.33 -13.50 4.37
CA ASP B 320 -1.37 -12.35 3.46
C ASP B 320 -2.59 -11.51 3.83
N GLY B 321 -2.54 -10.21 3.51
CA GLY B 321 -3.53 -9.28 4.01
C GLY B 321 -3.69 -8.02 3.18
N VAL B 322 -4.46 -7.07 3.72
CA VAL B 322 -4.81 -5.85 3.00
C VAL B 322 -3.61 -4.93 2.81
N TYR B 323 -2.55 -5.11 3.58
CA TYR B 323 -1.31 -4.39 3.30
C TYR B 323 -0.48 -5.09 2.24
N GLY B 324 -0.79 -6.37 1.95
CA GLY B 324 -0.15 -7.12 0.89
C GLY B 324 -1.00 -7.30 -0.34
N SER B 325 -1.18 -8.55 -0.77
CA SER B 325 -1.91 -8.85 -2.00
C SER B 325 -3.34 -8.32 -1.98
N PHE B 326 -3.98 -8.29 -0.80
CA PHE B 326 -5.39 -7.97 -0.71
C PHE B 326 -5.64 -6.46 -0.57
N ASN B 327 -4.61 -5.65 -0.80
CA ASN B 327 -4.81 -4.21 -0.92
C ASN B 327 -5.88 -3.91 -1.97
N CYS B 328 -6.06 -4.81 -2.94
CA CYS B 328 -7.08 -4.65 -3.95
C CYS B 328 -8.47 -4.49 -3.34
N ILE B 329 -8.68 -4.99 -2.12
CA ILE B 329 -9.97 -4.80 -1.45
C ILE B 329 -10.26 -3.30 -1.27
N LEU B 330 -9.23 -2.52 -0.94
CA LEU B 330 -9.34 -1.08 -0.71
C LEU B 330 -9.16 -0.26 -1.99
N TYR B 331 -8.09 -0.53 -2.75
CA TYR B 331 -7.71 0.29 -3.90
C TYR B 331 -8.42 -0.09 -5.19
N ASP B 332 -8.81 -1.36 -5.34
CA ASP B 332 -9.38 -1.88 -6.58
C ASP B 332 -10.81 -2.35 -6.40
N HIS B 333 -11.42 -2.08 -5.24
CA HIS B 333 -12.82 -2.44 -4.98
C HIS B 333 -13.07 -3.94 -5.21
N ALA B 334 -12.07 -4.75 -4.88
CA ALA B 334 -12.13 -6.18 -5.18
C ALA B 334 -13.03 -6.91 -4.20
N HIS B 335 -13.71 -7.94 -4.71
CA HIS B 335 -14.46 -8.88 -3.88
C HIS B 335 -13.82 -10.25 -4.00
N VAL B 336 -13.14 -10.70 -2.95
CA VAL B 336 -12.35 -11.92 -2.99
C VAL B 336 -13.18 -13.08 -2.47
N LYS B 337 -13.03 -14.24 -3.10
CA LYS B 337 -13.80 -15.44 -2.76
C LYS B 337 -12.84 -16.53 -2.30
N PRO B 338 -12.81 -16.86 -1.01
CA PRO B 338 -11.92 -17.94 -0.53
C PRO B 338 -12.38 -19.31 -1.02
N LEU B 339 -11.44 -20.08 -1.54
CA LEU B 339 -11.68 -21.44 -2.01
C LEU B 339 -10.86 -22.42 -1.19
N LEU B 340 -11.42 -23.59 -0.92
CA LEU B 340 -10.75 -24.62 -0.14
C LEU B 340 -9.87 -25.49 -1.03
N GLN B 341 -8.66 -25.76 -0.56
CA GLN B 341 -7.73 -26.57 -1.36
C GLN B 341 -8.23 -28.00 -1.45
N LYS B 342 -8.59 -28.57 -0.31
CA LYS B 342 -9.18 -29.89 -0.21
C LYS B 342 -10.70 -29.75 -0.32
N ARG B 343 -11.26 -30.28 -1.40
CA ARG B 343 -12.71 -30.30 -1.61
C ARG B 343 -13.45 -30.83 -0.37
N PRO B 344 -14.47 -30.14 0.10
CA PRO B 344 -15.16 -30.54 1.34
C PRO B 344 -16.22 -31.62 1.08
N LYS B 345 -16.38 -32.51 2.06
CA LYS B 345 -17.44 -33.51 1.98
C LYS B 345 -18.83 -32.84 2.00
N PRO B 346 -19.81 -33.40 1.28
CA PRO B 346 -21.09 -32.68 1.10
C PRO B 346 -21.91 -32.53 2.37
N ASP B 347 -21.75 -33.45 3.33
CA ASP B 347 -22.49 -33.44 4.59
C ASP B 347 -21.76 -32.66 5.68
N GLU B 348 -20.55 -32.21 5.40
CA GLU B 348 -19.75 -31.46 6.37
C GLU B 348 -20.46 -30.19 6.82
N LYS B 349 -20.38 -29.90 8.11
CA LYS B 349 -21.06 -28.74 8.67
C LYS B 349 -20.27 -27.46 8.41
N TYR B 350 -20.98 -26.41 8.02
CA TYR B 350 -20.40 -25.10 7.77
C TYR B 350 -20.68 -24.17 8.95
N TYR B 351 -19.78 -23.19 9.13
CA TYR B 351 -19.84 -22.23 10.22
C TYR B 351 -19.59 -20.82 9.67
N SER B 352 -20.24 -19.85 10.32
CA SER B 352 -19.97 -18.44 10.07
C SER B 352 -18.54 -18.09 10.52
N SER B 353 -17.76 -17.55 9.58
CA SER B 353 -16.34 -17.37 9.77
C SER B 353 -15.89 -16.03 9.19
N SER B 354 -14.87 -15.45 9.80
CA SER B 354 -14.16 -14.28 9.28
C SER B 354 -12.71 -14.66 8.96
N ILE B 355 -12.09 -13.92 8.02
CA ILE B 355 -10.70 -14.13 7.63
C ILE B 355 -9.93 -12.83 7.73
N TRP B 356 -8.79 -12.87 8.42
CA TRP B 356 -7.97 -11.71 8.77
C TRP B 356 -6.54 -11.88 8.27
N GLY B 357 -5.90 -10.75 7.96
CA GLY B 357 -4.51 -10.71 7.55
C GLY B 357 -3.56 -10.82 8.73
N PRO B 358 -2.26 -10.91 8.43
CA PRO B 358 -1.25 -11.16 9.47
C PRO B 358 -0.87 -9.94 10.32
N THR B 359 -1.22 -8.72 9.91
CA THR B 359 -0.71 -7.53 10.59
C THR B 359 -1.52 -7.23 11.86
N CYS B 360 -0.96 -6.32 12.64
CA CYS B 360 -1.57 -5.86 13.89
C CYS B 360 -2.82 -5.01 13.67
N ASP B 361 -2.96 -4.41 12.50
CA ASP B 361 -4.05 -3.46 12.26
C ASP B 361 -5.41 -4.16 12.30
N GLY B 362 -6.36 -3.57 13.03
CA GLY B 362 -7.71 -4.09 13.08
C GLY B 362 -8.45 -4.00 11.77
N LEU B 363 -8.07 -3.10 10.87
CA LEU B 363 -8.74 -3.04 9.58
C LEU B 363 -8.17 -4.04 8.59
N ASP B 364 -7.12 -4.77 8.97
CA ASP B 364 -6.55 -5.83 8.14
C ASP B 364 -7.45 -7.05 8.21
N ARG B 365 -8.58 -6.96 7.51
CA ARG B 365 -9.58 -8.01 7.44
C ARG B 365 -9.90 -8.29 5.97
N ILE B 366 -9.81 -9.56 5.58
CA ILE B 366 -9.98 -9.96 4.18
C ILE B 366 -11.44 -10.30 3.88
N VAL B 367 -12.10 -11.04 4.76
CA VAL B 367 -13.50 -11.45 4.57
C VAL B 367 -14.24 -11.24 5.89
N GLU B 368 -15.29 -10.42 5.86
CA GLU B 368 -16.02 -10.12 7.08
C GLU B 368 -16.80 -11.34 7.56
N ARG B 369 -17.53 -11.99 6.66
CA ARG B 369 -18.40 -13.11 7.02
C ARG B 369 -18.55 -14.00 5.80
N CYS B 370 -18.25 -15.30 5.98
CA CYS B 370 -18.48 -16.32 4.96
C CYS B 370 -18.75 -17.65 5.67
N ASP B 371 -19.14 -18.65 4.89
CA ASP B 371 -19.45 -19.98 5.42
C ASP B 371 -18.33 -20.94 5.07
N LEU B 372 -17.69 -21.52 6.09
CA LEU B 372 -16.58 -22.45 5.88
C LEU B 372 -16.74 -23.63 6.82
N PRO B 373 -16.24 -24.81 6.45
CA PRO B 373 -16.07 -25.87 7.43
C PRO B 373 -14.98 -25.48 8.42
N GLU B 374 -15.01 -26.11 9.60
CA GLU B 374 -13.96 -25.84 10.58
C GLU B 374 -12.61 -26.20 9.95
N MET B 375 -11.68 -25.26 9.97
CA MET B 375 -10.36 -25.50 9.43
C MET B 375 -9.33 -25.39 10.53
N HIS B 376 -8.09 -25.75 10.22
CA HIS B 376 -7.05 -25.81 11.22
C HIS B 376 -5.81 -25.06 10.76
N VAL B 377 -5.05 -24.55 11.75
CA VAL B 377 -3.75 -23.97 11.44
C VAL B 377 -2.99 -24.96 10.56
N GLY B 378 -2.41 -24.46 9.48
CA GLY B 378 -1.70 -25.27 8.51
C GLY B 378 -2.50 -25.64 7.29
N ASP B 379 -3.83 -25.50 7.34
CA ASP B 379 -4.65 -25.67 6.15
C ASP B 379 -4.48 -24.47 5.22
N TRP B 380 -4.66 -24.71 3.92
CA TRP B 380 -4.48 -23.69 2.90
C TRP B 380 -5.83 -23.17 2.41
N MET B 381 -5.84 -21.89 2.03
CA MET B 381 -6.94 -21.26 1.32
C MET B 381 -6.43 -20.73 0.00
N LEU B 382 -7.25 -20.87 -1.04
CA LEU B 382 -6.91 -20.43 -2.39
C LEU B 382 -7.78 -19.28 -2.82
N PHE B 383 -7.18 -18.32 -3.51
CA PHE B 383 -7.88 -17.20 -4.12
C PHE B 383 -7.51 -17.15 -5.59
N GLU B 384 -8.50 -17.30 -6.46
CA GLU B 384 -8.31 -17.26 -7.90
C GLU B 384 -8.42 -15.82 -8.40
N ASN B 385 -7.95 -15.59 -9.63
CA ASN B 385 -8.14 -14.32 -10.31
C ASN B 385 -7.46 -13.19 -9.53
N MET B 386 -6.24 -13.45 -9.06
CA MET B 386 -5.48 -12.54 -8.21
C MET B 386 -4.27 -11.95 -8.94
N GLY B 387 -4.36 -11.82 -10.26
CA GLY B 387 -3.25 -11.30 -11.04
C GLY B 387 -3.19 -9.79 -11.16
N ALA B 388 -4.33 -9.11 -11.00
CA ALA B 388 -4.46 -7.71 -11.40
C ALA B 388 -4.56 -6.82 -10.18
N TYR B 389 -3.65 -5.85 -10.09
CA TYR B 389 -3.65 -4.84 -9.02
C TYR B 389 -3.57 -5.49 -7.64
N THR B 390 -2.74 -6.53 -7.53
CA THR B 390 -2.50 -7.16 -6.24
C THR B 390 -1.04 -6.99 -5.80
N VAL B 391 -0.13 -7.77 -6.39
CA VAL B 391 1.30 -7.64 -6.07
C VAL B 391 1.85 -6.28 -6.47
N ALA B 392 1.36 -5.68 -7.56
CA ALA B 392 1.83 -4.39 -8.02
C ALA B 392 1.71 -3.29 -6.97
N ALA B 393 0.77 -3.41 -6.02
CA ALA B 393 0.52 -2.36 -5.03
C ALA B 393 0.76 -2.85 -3.60
N ALA B 394 1.40 -3.99 -3.42
CA ALA B 394 1.63 -4.53 -2.09
C ALA B 394 2.79 -3.82 -1.40
N SER B 395 2.69 -3.71 -0.07
CA SER B 395 3.70 -3.10 0.77
C SER B 395 4.25 -4.13 1.76
N THR B 396 5.32 -3.76 2.45
CA THR B 396 5.93 -4.61 3.47
C THR B 396 5.66 -4.11 4.89
N PHE B 397 4.50 -3.47 5.11
CA PHE B 397 4.05 -3.12 6.45
C PHE B 397 4.16 -4.33 7.39
N ASN B 398 4.65 -4.07 8.60
CA ASN B 398 4.89 -5.07 9.65
C ASN B 398 6.08 -5.96 9.32
N GLY B 399 6.77 -5.72 8.20
CA GLY B 399 7.92 -6.50 7.83
C GLY B 399 7.61 -7.78 7.06
N PHE B 400 6.35 -8.00 6.69
CA PHE B 400 5.97 -9.20 5.94
C PHE B 400 6.34 -9.03 4.48
N GLN B 401 7.09 -9.98 3.96
CA GLN B 401 7.59 -9.94 2.59
C GLN B 401 6.51 -10.41 1.60
N ARG B 402 6.67 -10.00 0.34
CA ARG B 402 5.72 -10.43 -0.69
C ARG B 402 5.81 -11.93 -0.91
N PRO B 403 4.68 -12.60 -1.21
CA PRO B 403 4.73 -14.03 -1.55
C PRO B 403 5.60 -14.30 -2.77
N THR B 404 6.29 -15.43 -2.74
CA THR B 404 7.02 -15.91 -3.92
C THR B 404 6.03 -16.23 -5.03
N ILE B 405 6.41 -15.93 -6.27
CA ILE B 405 5.64 -16.27 -7.45
C ILE B 405 6.35 -17.42 -8.17
N TYR B 406 5.61 -18.51 -8.41
CA TYR B 406 6.11 -19.63 -9.21
C TYR B 406 5.47 -19.55 -10.60
N TYR B 407 6.29 -19.23 -11.61
CA TYR B 407 5.83 -19.21 -13.00
C TYR B 407 5.85 -20.61 -13.61
N VAL B 408 4.76 -20.97 -14.30
CA VAL B 408 4.67 -22.24 -15.03
C VAL B 408 4.26 -22.00 -16.48
N MET B 409 4.67 -22.91 -17.36
CA MET B 409 4.34 -22.84 -18.77
C MET B 409 4.44 -24.25 -19.36
N SER B 410 3.42 -24.67 -20.10
CA SER B 410 3.48 -25.97 -20.76
C SER B 410 4.32 -25.88 -22.04
N GLY B 411 4.66 -27.04 -22.59
CA GLY B 411 5.37 -27.11 -23.84
C GLY B 411 4.58 -26.49 -24.99
N PRO B 412 3.33 -26.93 -25.18
CA PRO B 412 2.51 -26.31 -26.24
C PRO B 412 2.32 -24.81 -26.10
N ALA B 413 2.16 -24.29 -24.88
CA ALA B 413 2.12 -22.85 -24.70
C ALA B 413 3.40 -22.19 -25.18
N TRP B 414 4.55 -22.81 -24.91
CA TRP B 414 5.82 -22.27 -25.38
C TRP B 414 5.88 -22.31 -26.92
N GLN B 415 5.36 -23.39 -27.52
CA GLN B 415 5.30 -23.46 -28.98
C GLN B 415 4.46 -22.33 -29.55
N LEU B 416 3.29 -22.08 -28.95
CA LEU B 416 2.43 -20.98 -29.37
C LEU B 416 3.18 -19.65 -29.29
N MET B 417 3.92 -19.44 -28.21
CA MET B 417 4.69 -18.20 -28.06
C MET B 417 5.72 -18.08 -29.17
N GLN B 418 6.31 -19.21 -29.57
CA GLN B 418 7.30 -19.20 -30.63
C GLN B 418 6.65 -18.82 -31.95
N GLN B 419 5.47 -19.37 -32.23
CA GLN B 419 4.73 -19.01 -33.43
C GLN B 419 4.50 -17.50 -33.50
N PHE B 420 4.07 -16.90 -32.38
CA PHE B 420 3.92 -15.44 -32.35
C PHE B 420 5.24 -14.73 -32.66
N GLN B 421 6.36 -15.22 -32.14
CA GLN B 421 7.64 -14.58 -32.45
C GLN B 421 8.02 -14.73 -33.92
N ASN B 422 7.51 -15.76 -34.58
CA ASN B 422 7.61 -15.92 -36.03
C ASN B 422 6.34 -15.39 -36.69
N1 PLP C . 1.67 -1.99 19.75
C2 PLP C . 0.77 -2.80 19.07
C2A PLP C . 0.56 -4.21 19.56
C3 PLP C . 0.06 -2.31 17.95
O3 PLP C . -0.80 -3.15 17.32
C4 PLP C . 0.28 -0.98 17.51
C4A PLP C . -0.47 -0.42 16.31
C5 PLP C . 1.20 -0.21 18.24
C6 PLP C . 1.87 -0.71 19.35
C5A PLP C . 1.51 1.20 17.88
O4P PLP C . 0.60 2.06 18.49
P PLP C . 0.83 3.65 18.27
O1P PLP C . -0.53 4.26 18.20
O2P PLP C . 1.57 3.83 16.99
O3P PLP C . 1.67 4.10 19.42
N1 XAP D . -2.64 2.43 10.90
C1 XAP D . -2.26 2.15 12.30
C2 XAP D . -2.40 0.67 12.69
C3 XAP D . -1.79 0.51 14.08
O1 XAP D . -2.01 -0.78 14.64
N2 XAP D . -1.32 -1.15 15.73
N1 PLP E . -5.16 2.55 -19.38
C2 PLP E . -5.28 3.65 -18.54
C2A PLP E . -5.09 5.04 -19.11
C3 PLP E . -5.58 3.46 -17.17
O3 PLP E . -5.69 4.58 -16.39
C4 PLP E . -5.75 2.15 -16.67
C4A PLP E . -6.08 1.87 -15.21
C5 PLP E . -5.61 1.07 -17.57
C6 PLP E . -5.32 1.29 -18.90
C5A PLP E . -5.77 -0.34 -17.10
O4P PLP E . -7.15 -0.64 -17.05
P PLP E . -7.64 -2.14 -16.77
O1P PLP E . -8.97 -2.00 -16.04
O2P PLP E . -6.64 -2.84 -15.90
O3P PLP E . -7.70 -2.82 -18.10
N1 XAP F . -7.17 0.20 -9.03
C1 XAP F . -7.28 0.14 -10.49
C2 XAP F . -7.11 1.52 -11.12
C3 XAP F . -6.83 1.42 -12.62
O1 XAP F . -6.79 2.70 -13.20
N2 XAP F . -6.41 2.85 -14.46
#